data_3ZS9
#
_entry.id   3ZS9
#
_cell.length_a   52.558
_cell.length_b   77.317
_cell.length_c   165.831
_cell.angle_alpha   90.00
_cell.angle_beta   90.00
_cell.angle_gamma   90.00
#
_symmetry.space_group_name_H-M   'P 21 21 21'
#
loop_
_entity.id
_entity.type
_entity.pdbx_description
1 polymer 'ATPASE GET3'
2 polymer 'GOLGI TO ER TRAFFIC PROTEIN 2'
3 non-polymer "ADENOSINE-5'-DIPHOSPHATE"
4 non-polymer 'TETRAFLUOROALUMINATE ION'
5 non-polymer 'MAGNESIUM ION'
6 non-polymer 'ZINC ION'
7 water water
#
loop_
_entity_poly.entity_id
_entity_poly.type
_entity_poly.pdbx_seq_one_letter_code
_entity_poly.pdbx_strand_id
1 'polypeptide(L)'
;MDLTVEPNLHSLITSTTHKWIFVGGKGGVGKTTSSCSIAIQMALSQPNKQFLLISTDPAHNLSDAFGEKFGKDARKVTGM
NNLSCMEIDPSAALKDMNDMAVSRANNNGSDGQGDDLGSLLQGGALADLTGSIPGIDEALSFMEVMKHIKRQEQGEGETF
DTVIFDTAPTGHTLRFLQLPNTLSKLLEKFGEITNKLGPMLNSFMGAGNVDISGKLNELKANVETIRQQFTDPDLTTFVC
VCISEFLSLYETERLIQELISYDMDVNSIIVNQLLFAENDQEHNCKRCQARWKMQKKYLDQIDELYEDFHVVKMPLCAGE
IRGLNNLTKFSQFLNKEYNPITDGKVIYELEDKE
;
A,B
2 'polypeptide(L)' MSELTEAEKRRLLRERRQKKFSNGGASSRLNKITGQAS C,D
#
# COMPACT_ATOMS: atom_id res chain seq x y z
N VAL A 5 12.46 3.50 -27.98
CA VAL A 5 12.80 2.99 -26.66
C VAL A 5 12.26 1.58 -26.47
N GLU A 6 13.15 0.60 -26.35
CA GLU A 6 12.69 -0.79 -26.28
C GLU A 6 11.74 -1.03 -25.10
N PRO A 7 10.67 -1.78 -25.35
CA PRO A 7 9.62 -2.03 -24.37
C PRO A 7 10.00 -3.17 -23.43
N ASN A 8 11.19 -3.11 -22.86
CA ASN A 8 11.62 -4.15 -21.94
C ASN A 8 12.66 -3.63 -20.96
N LEU A 9 13.06 -4.47 -20.01
CA LEU A 9 14.07 -4.10 -19.02
C LEU A 9 15.41 -4.79 -19.28
N HIS A 10 15.64 -5.20 -20.52
CA HIS A 10 16.85 -5.97 -20.83
C HIS A 10 18.14 -5.25 -20.42
N SER A 11 18.20 -3.96 -20.66
CA SER A 11 19.37 -3.17 -20.28
C SER A 11 19.62 -3.19 -18.78
N LEU A 12 18.55 -3.15 -18.00
CA LEU A 12 18.69 -3.17 -16.55
C LEU A 12 19.08 -4.56 -16.05
N ILE A 13 18.39 -5.57 -16.56
CA ILE A 13 18.62 -6.96 -16.19
C ILE A 13 20.09 -7.36 -16.37
N THR A 14 20.70 -6.89 -17.46
CA THR A 14 22.09 -7.22 -17.77
C THR A 14 23.08 -6.15 -17.32
N SER A 15 22.65 -5.20 -16.50
CA SER A 15 23.54 -4.12 -16.08
C SER A 15 24.70 -4.66 -15.25
N THR A 16 25.87 -4.07 -15.41
CA THR A 16 27.02 -4.45 -14.61
C THR A 16 27.38 -3.34 -13.63
N THR A 17 26.55 -2.30 -13.54
CA THR A 17 26.85 -1.20 -12.64
C THR A 17 25.89 -1.10 -11.46
N HIS A 18 24.62 -1.47 -11.66
CA HIS A 18 23.61 -1.19 -10.64
C HIS A 18 23.80 -1.96 -9.32
N LYS A 19 23.72 -1.23 -8.20
CA LYS A 19 23.81 -1.83 -6.88
C LYS A 19 22.48 -1.71 -6.14
N TRP A 20 21.66 -0.75 -6.55
CA TRP A 20 20.41 -0.44 -5.87
C TRP A 20 19.29 -0.28 -6.86
N ILE A 21 18.28 -1.13 -6.77
CA ILE A 21 17.18 -1.08 -7.73
C ILE A 21 15.89 -1.04 -6.96
N PHE A 22 15.21 0.10 -7.01
CA PHE A 22 13.93 0.22 -6.31
C PHE A 22 12.79 -0.13 -7.24
N VAL A 23 11.76 -0.77 -6.70
CA VAL A 23 10.58 -1.11 -7.47
C VAL A 23 9.39 -0.54 -6.71
N GLY A 24 8.68 0.42 -7.30
CA GLY A 24 7.65 1.11 -6.55
C GLY A 24 6.42 1.48 -7.32
N GLY A 25 5.46 2.11 -6.64
CA GLY A 25 4.19 2.49 -7.23
C GLY A 25 3.04 2.32 -6.26
N LYS A 26 1.83 2.57 -6.75
CA LYS A 26 0.60 2.47 -5.97
C LYS A 26 0.37 1.07 -5.40
N GLY A 27 -0.46 0.96 -4.38
CA GLY A 27 -0.77 -0.34 -3.79
C GLY A 27 -1.37 -1.32 -4.79
N GLY A 28 -0.97 -2.59 -4.66
CA GLY A 28 -1.58 -3.69 -5.36
C GLY A 28 -1.36 -3.74 -6.86
N VAL A 29 -0.49 -2.87 -7.38
CA VAL A 29 -0.24 -2.86 -8.81
C VAL A 29 0.68 -4.00 -9.27
N GLY A 30 1.43 -4.57 -8.34
CA GLY A 30 2.37 -5.65 -8.69
C GLY A 30 3.85 -5.37 -8.42
N LYS A 31 4.13 -4.58 -7.38
CA LYS A 31 5.50 -4.32 -6.94
C LYS A 31 6.26 -5.58 -6.52
N THR A 32 5.63 -6.37 -5.66
CA THR A 32 6.22 -7.61 -5.18
C THR A 32 6.40 -8.62 -6.31
N THR A 33 5.34 -8.79 -7.11
CA THR A 33 5.39 -9.66 -8.26
C THR A 33 6.49 -9.24 -9.25
N SER A 34 6.57 -7.93 -9.54
CA SER A 34 7.58 -7.42 -10.47
C SER A 34 8.99 -7.47 -9.90
N SER A 35 9.14 -7.16 -8.61
CA SER A 35 10.47 -7.13 -8.04
C SER A 35 11.09 -8.53 -7.98
N CYS A 36 10.27 -9.53 -7.64
CA CYS A 36 10.68 -10.94 -7.74
C CYS A 36 11.11 -11.28 -9.17
N SER A 37 10.30 -10.82 -10.11
CA SER A 37 10.53 -11.14 -11.52
C SER A 37 11.81 -10.52 -12.02
N ILE A 38 12.01 -9.23 -11.70
CA ILE A 38 13.24 -8.55 -12.08
C ILE A 38 14.46 -9.25 -11.44
N ALA A 39 14.31 -9.62 -10.17
CA ALA A 39 15.40 -10.26 -9.43
C ALA A 39 15.77 -11.62 -10.02
N ILE A 40 14.74 -12.39 -10.38
CA ILE A 40 14.95 -13.69 -11.01
C ILE A 40 15.70 -13.54 -12.34
N GLN A 41 15.20 -12.64 -13.19
CA GLN A 41 15.86 -12.34 -14.46
C GLN A 41 17.33 -11.96 -14.31
N MET A 42 17.65 -11.12 -13.32
CA MET A 42 19.03 -10.70 -13.11
C MET A 42 19.93 -11.85 -12.63
N ALA A 43 19.41 -12.63 -11.68
CA ALA A 43 20.15 -13.77 -11.16
C ALA A 43 20.39 -14.82 -12.25
N LEU A 44 19.39 -15.06 -13.09
CA LEU A 44 19.57 -15.99 -14.20
C LEU A 44 20.57 -15.46 -15.21
N SER A 45 20.56 -14.15 -15.42
CA SER A 45 21.43 -13.52 -16.41
C SER A 45 22.85 -13.32 -15.90
N GLN A 46 23.01 -13.27 -14.59
CA GLN A 46 24.32 -13.00 -14.03
C GLN A 46 24.65 -13.98 -12.89
N PRO A 47 24.97 -15.23 -13.24
CA PRO A 47 25.23 -16.31 -12.27
C PRO A 47 26.43 -16.02 -11.39
N ASN A 48 27.35 -15.19 -11.87
CA ASN A 48 28.56 -14.88 -11.12
C ASN A 48 28.33 -13.86 -10.03
N LYS A 49 27.13 -13.29 -10.00
CA LYS A 49 26.80 -12.24 -9.06
C LYS A 49 25.71 -12.67 -8.08
N GLN A 50 25.75 -12.11 -6.88
CA GLN A 50 24.79 -12.45 -5.84
C GLN A 50 23.79 -11.32 -5.64
N PHE A 51 22.50 -11.68 -5.69
CA PHE A 51 21.43 -10.71 -5.61
C PHE A 51 20.61 -10.86 -4.32
N LEU A 52 20.27 -9.73 -3.72
CA LEU A 52 19.40 -9.72 -2.54
C LEU A 52 18.12 -8.95 -2.85
N LEU A 53 16.99 -9.61 -2.62
CA LEU A 53 15.70 -8.94 -2.73
C LEU A 53 15.23 -8.60 -1.32
N ILE A 54 15.04 -7.31 -1.05
CA ILE A 54 14.62 -6.91 0.29
C ILE A 54 13.26 -6.25 0.26
N SER A 55 12.39 -6.65 1.18
CA SER A 55 11.07 -6.03 1.26
C SER A 55 11.11 -4.88 2.25
N THR A 56 10.76 -3.69 1.79
CA THR A 56 10.63 -2.55 2.70
C THR A 56 9.14 -2.25 2.99
N ASP A 57 8.25 -3.05 2.42
CA ASP A 57 6.84 -3.04 2.82
C ASP A 57 6.70 -3.71 4.20
N PRO A 58 6.34 -2.93 5.24
CA PRO A 58 6.18 -3.50 6.58
C PRO A 58 5.19 -4.67 6.60
N ALA A 59 4.24 -4.67 5.66
CA ALA A 59 3.37 -5.83 5.45
C ALA A 59 4.02 -6.66 4.36
N HIS A 60 4.96 -7.52 4.76
CA HIS A 60 5.80 -8.28 3.84
C HIS A 60 5.04 -9.32 3.02
N ASN A 61 5.45 -9.51 1.76
CA ASN A 61 4.82 -10.46 0.88
C ASN A 61 5.81 -11.34 0.11
N LEU A 62 7.10 -11.16 0.33
CA LEU A 62 8.08 -12.00 -0.37
C LEU A 62 7.94 -13.48 -0.01
N SER A 63 7.70 -13.76 1.26
CA SER A 63 7.51 -15.13 1.71
C SER A 63 6.26 -15.74 1.08
N ASP A 64 5.20 -14.95 1.00
CA ASP A 64 3.94 -15.36 0.37
C ASP A 64 4.09 -15.54 -1.13
N ALA A 65 4.86 -14.68 -1.77
CA ALA A 65 5.09 -14.79 -3.21
C ALA A 65 5.84 -16.08 -3.59
N PHE A 66 6.89 -16.40 -2.86
CA PHE A 66 7.69 -17.57 -3.19
C PHE A 66 7.19 -18.82 -2.51
N GLY A 67 6.37 -18.65 -1.47
CA GLY A 67 5.83 -19.77 -0.72
C GLY A 67 6.81 -20.43 0.22
N GLU A 68 7.73 -19.64 0.77
CA GLU A 68 8.59 -20.15 1.82
C GLU A 68 8.99 -18.98 2.70
N LYS A 69 9.47 -19.27 3.91
CA LYS A 69 9.60 -18.26 4.94
C LYS A 69 10.94 -17.55 4.94
N PHE A 70 10.90 -16.23 4.81
CA PHE A 70 12.10 -15.43 4.92
C PHE A 70 12.08 -14.62 6.21
N GLY A 71 13.16 -13.90 6.46
CA GLY A 71 13.24 -13.14 7.71
C GLY A 71 14.30 -12.07 7.63
N LYS A 72 14.71 -11.57 8.79
CA LYS A 72 15.63 -10.44 8.83
C LYS A 72 17.02 -10.81 8.34
N ASP A 73 17.34 -12.10 8.39
CA ASP A 73 18.63 -12.58 7.92
C ASP A 73 18.47 -13.23 6.56
N ALA A 74 19.32 -12.86 5.62
CA ALA A 74 19.17 -13.29 4.23
C ALA A 74 19.19 -14.81 4.08
N ARG A 75 18.30 -15.31 3.23
CA ARG A 75 18.18 -16.73 2.95
C ARG A 75 18.02 -16.89 1.44
N LYS A 76 18.72 -17.85 0.85
CA LYS A 76 18.61 -18.09 -0.58
C LYS A 76 17.24 -18.62 -0.97
N VAL A 77 16.74 -18.16 -2.10
CA VAL A 77 15.48 -18.69 -2.62
C VAL A 77 15.70 -20.14 -3.03
N THR A 78 14.81 -21.04 -2.62
CA THR A 78 14.92 -22.45 -3.01
C THR A 78 14.90 -22.58 -4.53
N GLY A 79 15.90 -23.29 -5.09
CA GLY A 79 15.99 -23.44 -6.53
C GLY A 79 16.84 -22.39 -7.24
N MET A 80 17.39 -21.45 -6.47
CA MET A 80 18.35 -20.48 -7.01
C MET A 80 19.66 -20.57 -6.21
N ASN A 81 20.78 -20.27 -6.84
CA ASN A 81 22.07 -20.29 -6.14
C ASN A 81 22.52 -18.88 -5.81
N ASN A 82 21.89 -17.90 -6.45
CA ASN A 82 22.36 -16.53 -6.35
C ASN A 82 21.26 -15.49 -6.17
N LEU A 83 20.12 -15.91 -5.65
CA LEU A 83 19.07 -14.97 -5.26
C LEU A 83 18.62 -15.24 -3.84
N SER A 84 18.61 -14.20 -3.02
CA SER A 84 18.18 -14.31 -1.63
C SER A 84 17.08 -13.30 -1.32
N CYS A 85 16.35 -13.54 -0.24
CA CYS A 85 15.32 -12.59 0.20
C CYS A 85 15.48 -12.20 1.65
N MET A 86 15.02 -10.99 1.97
CA MET A 86 15.06 -10.46 3.32
C MET A 86 13.75 -9.76 3.67
N GLU A 87 13.21 -10.06 4.85
CA GLU A 87 12.05 -9.34 5.36
C GLU A 87 12.31 -9.01 6.84
N ILE A 88 12.58 -7.75 7.14
CA ILE A 88 12.91 -7.38 8.52
C ILE A 88 11.68 -7.24 9.41
N ASP A 89 11.71 -7.96 10.53
CA ASP A 89 10.76 -7.78 11.64
C ASP A 89 11.43 -6.86 12.65
N PRO A 90 11.04 -5.58 12.64
CA PRO A 90 11.64 -4.53 13.47
C PRO A 90 11.75 -4.91 14.96
N SER A 91 10.77 -5.65 15.46
CA SER A 91 10.79 -6.10 16.85
C SER A 91 11.89 -7.11 17.11
N ALA A 92 12.17 -7.95 16.12
CA ALA A 92 13.23 -8.95 16.26
C ALA A 92 14.58 -8.28 16.13
N ALA A 93 14.76 -7.52 15.06
CA ALA A 93 16.01 -6.82 14.81
C ALA A 93 16.45 -6.02 16.04
N LEU A 94 15.50 -5.32 16.65
CA LEU A 94 15.80 -4.49 17.81
C LEU A 94 16.14 -5.32 19.05
N LYS A 95 15.53 -6.48 19.17
CA LYS A 95 15.84 -7.38 20.27
C LYS A 95 17.26 -7.94 20.12
N ASP A 96 17.64 -8.27 18.89
CA ASP A 96 18.98 -8.78 18.61
C ASP A 96 20.05 -7.72 18.86
N MET A 97 19.75 -6.47 18.52
CA MET A 97 20.67 -5.38 18.79
C MET A 97 20.77 -5.14 20.29
N ASN A 98 19.66 -5.31 20.99
CA ASN A 98 19.63 -5.15 22.44
C ASN A 98 20.45 -6.25 23.10
N ASP A 99 20.33 -7.46 22.59
CA ASP A 99 21.11 -8.59 23.10
C ASP A 99 22.59 -8.41 22.78
N MET A 100 22.88 -8.06 21.53
CA MET A 100 24.25 -7.91 21.06
C MET A 100 25.04 -6.91 21.91
N ALA A 127 13.13 -1.35 24.40
CA ALA A 127 13.15 -1.01 22.97
C ALA A 127 11.93 -1.54 22.23
N ASP A 128 10.89 -1.89 22.99
CA ASP A 128 9.60 -2.26 22.41
C ASP A 128 8.86 -0.97 22.13
N LEU A 129 9.27 0.08 22.85
CA LEU A 129 8.90 1.44 22.53
C LEU A 129 9.20 1.65 21.06
N THR A 130 10.46 1.51 20.71
CA THR A 130 10.96 1.81 19.38
C THR A 130 10.44 0.86 18.30
N GLY A 131 10.11 -0.37 18.69
CA GLY A 131 9.73 -1.40 17.74
C GLY A 131 8.38 -1.16 17.06
N SER A 132 7.62 -0.23 17.60
CA SER A 132 6.29 0.06 17.08
C SER A 132 6.06 1.55 16.84
N ILE A 133 7.15 2.32 16.88
CA ILE A 133 7.11 3.74 16.54
C ILE A 133 6.94 3.92 15.04
N PRO A 134 5.92 4.70 14.63
CA PRO A 134 5.79 4.91 13.19
C PRO A 134 7.11 5.42 12.61
N GLY A 135 7.54 4.87 11.48
CA GLY A 135 8.80 5.25 10.90
C GLY A 135 9.93 4.28 11.24
N ILE A 136 9.73 3.45 12.26
CA ILE A 136 10.76 2.48 12.64
C ILE A 136 11.09 1.56 11.46
N ASP A 137 10.10 1.28 10.62
CA ASP A 137 10.33 0.41 9.47
C ASP A 137 11.32 1.03 8.49
N GLU A 138 11.10 2.28 8.14
CA GLU A 138 11.99 2.97 7.23
C GLU A 138 13.37 3.18 7.88
N ALA A 139 13.40 3.36 9.19
CA ALA A 139 14.67 3.52 9.89
C ALA A 139 15.53 2.26 9.80
N LEU A 140 14.93 1.10 10.01
CA LEU A 140 15.66 -0.15 9.95
C LEU A 140 16.02 -0.55 8.52
N SER A 141 15.13 -0.29 7.57
CA SER A 141 15.45 -0.53 6.16
C SER A 141 16.68 0.30 5.78
N PHE A 142 16.73 1.54 6.29
CA PHE A 142 17.83 2.43 6.00
C PHE A 142 19.12 1.94 6.65
N MET A 143 19.02 1.44 7.88
CA MET A 143 20.16 0.88 8.58
C MET A 143 20.74 -0.30 7.79
N GLU A 144 19.88 -1.09 7.18
CA GLU A 144 20.32 -2.26 6.44
C GLU A 144 21.15 -1.81 5.25
N VAL A 145 20.70 -0.74 4.60
CA VAL A 145 21.45 -0.16 3.51
C VAL A 145 22.80 0.31 3.98
N MET A 146 22.82 1.03 5.09
CA MET A 146 24.07 1.52 5.65
C MET A 146 24.99 0.35 6.00
N LYS A 147 24.42 -0.72 6.53
CA LYS A 147 25.19 -1.91 6.88
C LYS A 147 25.85 -2.49 5.64
N HIS A 148 25.11 -2.53 4.53
CA HIS A 148 25.66 -3.10 3.30
C HIS A 148 26.79 -2.24 2.72
N ILE A 149 26.58 -0.92 2.70
CA ILE A 149 27.64 0.01 2.32
C ILE A 149 28.93 -0.22 3.12
N LYS A 150 28.80 -0.32 4.44
CA LYS A 150 29.97 -0.51 5.29
C LYS A 150 30.70 -1.83 5.00
N ARG A 151 29.95 -2.92 4.88
CA ARG A 151 30.54 -4.24 4.61
C ARG A 151 31.37 -4.22 3.32
N GLN A 152 30.83 -3.56 2.31
CA GLN A 152 31.51 -3.40 1.03
C GLN A 152 32.76 -2.55 1.13
N GLU A 153 32.67 -1.40 1.79
CA GLU A 153 33.84 -0.53 1.98
C GLU A 153 34.94 -1.26 2.73
N GLN A 154 34.54 -2.25 3.53
CA GLN A 154 35.50 -2.94 4.38
C GLN A 154 35.96 -4.28 3.79
N GLY A 155 35.55 -4.53 2.56
CA GLY A 155 36.00 -5.70 1.82
C GLY A 155 35.59 -7.00 2.47
N GLU A 156 34.39 -7.04 3.02
CA GLU A 156 33.88 -8.30 3.53
C GLU A 156 33.52 -9.17 2.33
N GLY A 157 34.02 -10.40 2.33
CA GLY A 157 33.91 -11.30 1.19
C GLY A 157 32.48 -11.67 0.81
N GLU A 158 31.58 -11.66 1.79
CA GLU A 158 30.21 -12.12 1.55
C GLU A 158 29.16 -11.02 1.71
N THR A 159 29.10 -10.13 0.72
CA THR A 159 27.93 -9.25 0.59
C THR A 159 27.32 -9.53 -0.77
N PHE A 160 26.23 -8.85 -1.04
CA PHE A 160 25.57 -9.01 -2.31
C PHE A 160 26.11 -7.96 -3.28
N ASP A 161 26.03 -8.25 -4.57
CA ASP A 161 26.44 -7.29 -5.57
C ASP A 161 25.34 -6.28 -5.81
N THR A 162 24.10 -6.76 -5.86
CA THR A 162 22.99 -5.90 -6.19
C THR A 162 21.78 -6.17 -5.30
N VAL A 163 21.16 -5.11 -4.82
CA VAL A 163 20.00 -5.21 -3.95
C VAL A 163 18.77 -4.65 -4.66
N ILE A 164 17.70 -5.44 -4.71
CA ILE A 164 16.45 -4.96 -5.28
C ILE A 164 15.45 -4.71 -4.15
N PHE A 165 14.86 -3.52 -4.13
CA PHE A 165 13.93 -3.20 -3.06
C PHE A 165 12.50 -3.42 -3.52
N ASP A 166 11.80 -4.32 -2.85
CA ASP A 166 10.36 -4.44 -3.01
C ASP A 166 9.71 -3.47 -2.03
N THR A 167 9.30 -2.30 -2.53
CA THR A 167 8.95 -1.21 -1.63
C THR A 167 7.48 -1.20 -1.22
N ALA A 168 7.18 -0.45 -0.16
CA ALA A 168 5.81 -0.19 0.21
C ALA A 168 5.12 0.69 -0.84
N PRO A 169 3.77 0.77 -0.77
CA PRO A 169 3.08 1.67 -1.70
C PRO A 169 3.56 3.13 -1.59
N THR A 170 3.35 3.88 -2.67
CA THR A 170 3.93 5.20 -2.92
C THR A 170 4.24 6.10 -1.74
N GLY A 171 3.22 6.48 -0.99
CA GLY A 171 3.35 7.51 0.02
C GLY A 171 4.48 7.30 1.00
N HIS A 172 4.61 6.08 1.52
CA HIS A 172 5.67 5.80 2.49
C HIS A 172 7.03 5.51 1.85
N THR A 173 7.00 5.02 0.62
CA THR A 173 8.25 4.84 -0.11
C THR A 173 8.95 6.17 -0.39
N LEU A 174 8.15 7.23 -0.60
CA LEU A 174 8.70 8.57 -0.77
C LEU A 174 9.37 9.05 0.51
N ARG A 175 8.76 8.77 1.67
CA ARG A 175 9.39 9.13 2.94
C ARG A 175 10.72 8.42 3.08
N PHE A 176 10.75 7.16 2.67
CA PHE A 176 12.00 6.40 2.76
C PHE A 176 13.08 7.07 1.90
N LEU A 177 12.75 7.31 0.64
CA LEU A 177 13.68 7.91 -0.30
C LEU A 177 14.04 9.37 0.03
N GLN A 178 13.21 10.02 0.84
CA GLN A 178 13.49 11.37 1.29
C GLN A 178 14.51 11.36 2.42
N LEU A 179 14.69 10.18 3.02
CA LEU A 179 15.46 10.02 4.24
C LEU A 179 16.94 10.45 4.14
N PRO A 180 17.61 10.08 3.05
CA PRO A 180 19.03 10.47 2.96
C PRO A 180 19.19 11.98 3.12
N ASN A 181 18.34 12.74 2.43
CA ASN A 181 18.40 14.19 2.50
C ASN A 181 17.86 14.75 3.80
N THR A 182 16.66 14.32 4.17
CA THR A 182 16.06 14.76 5.42
C THR A 182 17.04 14.56 6.57
N LEU A 183 17.67 13.41 6.58
CA LEU A 183 18.65 13.07 7.61
C LEU A 183 19.88 13.95 7.44
N SER A 184 20.33 14.09 6.20
CA SER A 184 21.52 14.87 5.89
C SER A 184 21.39 16.29 6.46
N LYS A 185 20.17 16.82 6.45
CA LYS A 185 19.93 18.14 7.03
C LYS A 185 19.93 18.06 8.55
N LEU A 186 19.07 17.19 9.09
CA LEU A 186 18.99 16.95 10.53
C LEU A 186 20.35 17.04 11.20
N LEU A 187 21.27 16.19 10.78
CA LEU A 187 22.63 16.19 11.32
C LEU A 187 23.24 17.60 11.24
N ILE A 212 31.71 10.62 21.01
CA ILE A 212 30.33 10.23 20.78
C ILE A 212 29.71 11.01 19.62
N SER A 213 30.08 12.29 19.52
CA SER A 213 29.62 13.14 18.42
C SER A 213 30.38 12.75 17.16
N GLY A 214 31.56 12.17 17.34
CA GLY A 214 32.31 11.63 16.23
C GLY A 214 31.52 10.53 15.58
N LYS A 215 31.05 9.58 16.39
CA LYS A 215 30.20 8.51 15.88
C LYS A 215 28.88 9.06 15.34
N LEU A 216 28.58 10.31 15.67
CA LEU A 216 27.45 11.00 15.05
C LEU A 216 27.81 11.39 13.63
N ASN A 217 28.98 12.00 13.48
CA ASN A 217 29.44 12.42 12.16
C ASN A 217 29.87 11.24 11.30
N GLU A 218 30.12 10.09 11.93
CA GLU A 218 30.36 8.87 11.18
C GLU A 218 29.09 8.47 10.45
N LEU A 219 27.96 8.73 11.09
CA LEU A 219 26.65 8.48 10.48
C LEU A 219 26.42 9.51 9.39
N LYS A 220 26.89 10.73 9.63
CA LYS A 220 26.85 11.77 8.62
C LYS A 220 27.51 11.33 7.31
N ALA A 221 28.72 10.80 7.42
CA ALA A 221 29.47 10.37 6.26
C ALA A 221 28.78 9.21 5.54
N ASN A 222 28.10 8.37 6.30
CA ASN A 222 27.36 7.27 5.68
C ASN A 222 26.15 7.79 4.95
N VAL A 223 25.46 8.75 5.55
CA VAL A 223 24.30 9.34 4.91
C VAL A 223 24.71 9.95 3.57
N GLU A 224 25.80 10.68 3.58
CA GLU A 224 26.36 11.24 2.35
C GLU A 224 26.73 10.19 1.32
N THR A 225 27.36 9.10 1.75
CA THR A 225 27.68 8.03 0.83
C THR A 225 26.43 7.44 0.16
N ILE A 226 25.36 7.27 0.94
CA ILE A 226 24.12 6.75 0.38
C ILE A 226 23.50 7.75 -0.60
N ARG A 227 23.47 9.00 -0.20
CA ARG A 227 22.96 10.05 -1.06
C ARG A 227 23.74 10.08 -2.39
N GLN A 228 25.06 9.93 -2.32
CA GLN A 228 25.89 9.90 -3.54
C GLN A 228 25.48 8.74 -4.44
N GLN A 229 25.28 7.56 -3.87
CA GLN A 229 24.97 6.40 -4.68
C GLN A 229 23.53 6.40 -5.20
N PHE A 230 22.59 6.88 -4.39
CA PHE A 230 21.19 6.88 -4.79
C PHE A 230 20.93 7.85 -5.92
N THR A 231 21.83 8.81 -6.07
CA THR A 231 21.69 9.89 -7.04
C THR A 231 22.63 9.66 -8.23
N ASP A 232 23.19 8.45 -8.31
CA ASP A 232 24.06 8.07 -9.42
C ASP A 232 23.33 7.08 -10.30
N PRO A 233 23.04 7.47 -11.55
CA PRO A 233 22.22 6.66 -12.47
C PRO A 233 22.88 5.35 -12.91
N ASP A 234 24.18 5.22 -12.73
CA ASP A 234 24.86 3.96 -12.99
C ASP A 234 24.61 3.01 -11.84
N LEU A 235 24.46 3.57 -10.64
CA LEU A 235 24.40 2.77 -9.43
C LEU A 235 22.96 2.45 -9.00
N THR A 236 22.06 3.39 -9.22
CA THR A 236 20.70 3.30 -8.66
C THR A 236 19.63 3.68 -9.66
N THR A 237 18.54 2.92 -9.68
CA THR A 237 17.41 3.28 -10.50
C THR A 237 16.10 2.88 -9.85
N PHE A 238 15.02 3.58 -10.20
CA PHE A 238 13.72 3.30 -9.63
C PHE A 238 12.76 2.89 -10.74
N VAL A 239 12.27 1.66 -10.63
CA VAL A 239 11.34 1.13 -11.62
C VAL A 239 9.91 1.26 -11.12
N CYS A 240 9.12 2.07 -11.81
CA CYS A 240 7.73 2.26 -11.44
C CYS A 240 6.87 1.12 -11.94
N VAL A 241 5.91 0.71 -11.12
CA VAL A 241 4.87 -0.22 -11.56
C VAL A 241 3.50 0.45 -11.43
N CYS A 242 2.66 0.24 -12.44
CA CYS A 242 1.33 0.85 -12.43
C CYS A 242 0.34 -0.10 -13.10
N ILE A 243 -0.93 0.23 -12.99
CA ILE A 243 -1.96 -0.40 -13.81
C ILE A 243 -2.60 0.70 -14.63
N SER A 244 -3.26 0.33 -15.72
CA SER A 244 -3.76 1.33 -16.64
C SER A 244 -5.15 1.84 -16.23
N GLU A 245 -5.18 2.57 -15.10
CA GLU A 245 -6.39 3.16 -14.56
C GLU A 245 -6.02 4.55 -14.03
N PHE A 246 -6.98 5.47 -13.98
CA PHE A 246 -6.68 6.85 -13.56
C PHE A 246 -5.94 7.00 -12.22
N LEU A 247 -6.42 6.33 -11.18
CA LEU A 247 -5.82 6.51 -9.88
C LEU A 247 -4.35 6.15 -9.92
N SER A 248 -4.04 5.02 -10.54
CA SER A 248 -2.66 4.57 -10.63
C SER A 248 -1.81 5.46 -11.52
N LEU A 249 -2.36 5.84 -12.68
CA LEU A 249 -1.65 6.72 -13.61
C LEU A 249 -1.23 8.04 -12.97
N TYR A 250 -2.19 8.71 -12.36
CA TYR A 250 -1.95 10.02 -11.75
C TYR A 250 -0.95 9.91 -10.61
N GLU A 251 -1.13 8.88 -9.78
CA GLU A 251 -0.21 8.62 -8.69
C GLU A 251 1.20 8.36 -9.21
N THR A 252 1.33 7.58 -10.28
CA THR A 252 2.63 7.25 -10.85
C THR A 252 3.37 8.49 -11.38
N GLU A 253 2.63 9.39 -12.03
CA GLU A 253 3.24 10.59 -12.57
C GLU A 253 3.75 11.49 -11.42
N ARG A 254 2.95 11.59 -10.36
CA ARG A 254 3.34 12.39 -9.21
C ARG A 254 4.56 11.78 -8.52
N LEU A 255 4.56 10.46 -8.43
CA LEU A 255 5.69 9.72 -7.84
C LEU A 255 6.98 10.00 -8.63
N ILE A 256 6.92 9.83 -9.95
CA ILE A 256 8.05 10.12 -10.82
C ILE A 256 8.53 11.58 -10.72
N GLN A 257 7.61 12.53 -10.66
CA GLN A 257 8.00 13.94 -10.52
C GLN A 257 8.74 14.18 -9.19
N GLU A 258 8.34 13.45 -8.14
CA GLU A 258 9.04 13.55 -6.86
C GLU A 258 10.43 12.94 -6.94
N LEU A 259 10.53 11.75 -7.51
CA LEU A 259 11.79 11.02 -7.60
C LEU A 259 12.84 11.80 -8.38
N ILE A 260 12.39 12.40 -9.48
CA ILE A 260 13.27 13.19 -10.31
C ILE A 260 13.69 14.45 -9.55
N SER A 261 12.81 15.00 -8.73
CA SER A 261 13.21 16.15 -7.94
C SER A 261 14.24 15.74 -6.87
N TYR A 262 14.29 14.45 -6.52
CA TYR A 262 15.32 13.93 -5.62
C TYR A 262 16.62 13.57 -6.34
N ASP A 263 16.68 13.78 -7.65
CA ASP A 263 17.82 13.34 -8.45
C ASP A 263 17.96 11.82 -8.47
N MET A 264 16.84 11.13 -8.31
CA MET A 264 16.80 9.70 -8.49
C MET A 264 16.46 9.36 -9.93
N ASP A 265 17.21 8.44 -10.52
CA ASP A 265 16.98 8.06 -11.90
C ASP A 265 15.72 7.23 -12.02
N VAL A 266 14.86 7.62 -12.96
CA VAL A 266 13.71 6.81 -13.33
C VAL A 266 13.67 6.76 -14.85
N ASN A 267 13.77 5.57 -15.42
CA ASN A 267 13.80 5.44 -16.88
C ASN A 267 12.94 4.27 -17.39
N SER A 268 12.23 3.60 -16.49
CA SER A 268 11.45 2.42 -16.87
C SER A 268 10.15 2.37 -16.09
N ILE A 269 9.08 1.93 -16.75
CA ILE A 269 7.77 1.77 -16.14
C ILE A 269 7.15 0.46 -16.59
N ILE A 270 6.70 -0.36 -15.64
CA ILE A 270 5.98 -1.59 -15.94
C ILE A 270 4.48 -1.33 -15.85
N VAL A 271 3.75 -1.59 -16.94
CA VAL A 271 2.29 -1.48 -16.91
C VAL A 271 1.74 -2.88 -16.81
N ASN A 272 1.17 -3.19 -15.66
CA ASN A 272 0.82 -4.57 -15.30
C ASN A 272 -0.67 -4.84 -15.41
N GLN A 273 -1.02 -6.12 -15.41
CA GLN A 273 -2.41 -6.57 -15.34
C GLN A 273 -3.22 -6.15 -16.55
N LEU A 274 -2.55 -6.04 -17.69
CA LEU A 274 -3.21 -5.68 -18.94
C LEU A 274 -4.02 -6.82 -19.55
N LEU A 275 -5.19 -6.49 -20.07
CA LEU A 275 -6.10 -7.49 -20.62
C LEU A 275 -5.83 -7.87 -22.08
N PHE A 276 -5.38 -6.92 -22.89
CA PHE A 276 -5.18 -7.12 -24.34
C PHE A 276 -6.36 -7.89 -24.92
N ALA A 277 -7.57 -7.37 -24.72
CA ALA A 277 -8.79 -8.13 -25.03
C ALA A 277 -9.13 -8.17 -26.53
N GLU A 278 -8.59 -7.24 -27.31
CA GLU A 278 -8.81 -7.25 -28.75
C GLU A 278 -8.15 -8.45 -29.42
N ASN A 279 -7.50 -9.30 -28.63
CA ASN A 279 -6.88 -10.49 -29.17
C ASN A 279 -6.71 -11.58 -28.12
N CYS A 285 -16.51 -11.78 -24.09
CA CYS A 285 -16.64 -11.44 -22.68
C CYS A 285 -16.77 -9.94 -22.51
N LYS A 286 -17.99 -9.49 -22.23
CA LYS A 286 -18.33 -8.09 -22.21
C LYS A 286 -17.55 -7.32 -21.16
N ARG A 287 -17.37 -7.92 -19.98
CA ARG A 287 -16.61 -7.26 -18.93
C ARG A 287 -15.17 -6.98 -19.40
N CYS A 288 -14.51 -8.01 -19.91
CA CYS A 288 -13.15 -7.84 -20.41
C CYS A 288 -13.08 -6.83 -21.53
N GLN A 289 -14.07 -6.85 -22.43
CA GLN A 289 -14.05 -5.91 -23.56
C GLN A 289 -14.16 -4.48 -23.06
N ALA A 290 -15.09 -4.23 -22.15
CA ALA A 290 -15.24 -2.89 -21.55
C ALA A 290 -14.02 -2.46 -20.73
N ARG A 291 -13.46 -3.38 -19.94
CA ARG A 291 -12.28 -3.01 -19.14
C ARG A 291 -11.04 -2.75 -19.99
N TRP A 292 -10.93 -3.44 -21.12
CA TRP A 292 -9.81 -3.22 -22.04
C TRP A 292 -9.90 -1.84 -22.69
N LYS A 293 -11.12 -1.43 -23.00
CA LYS A 293 -11.36 -0.12 -23.58
C LYS A 293 -10.88 0.96 -22.61
N MET A 294 -11.17 0.77 -21.33
CA MET A 294 -10.68 1.68 -20.31
C MET A 294 -9.14 1.62 -20.28
N GLN A 295 -8.57 0.43 -20.16
CA GLN A 295 -7.12 0.31 -20.08
C GLN A 295 -6.43 0.95 -21.28
N LYS A 296 -7.05 0.80 -22.46
CA LYS A 296 -6.45 1.30 -23.70
C LYS A 296 -6.41 2.82 -23.72
N LYS A 297 -7.45 3.43 -23.17
CA LYS A 297 -7.52 4.88 -23.05
C LYS A 297 -6.35 5.43 -22.22
N TYR A 298 -6.06 4.81 -21.09
CA TYR A 298 -4.93 5.25 -20.28
C TYR A 298 -3.58 4.85 -20.89
N LEU A 299 -3.57 3.69 -21.54
CA LEU A 299 -2.40 3.20 -22.22
C LEU A 299 -1.97 4.18 -23.32
N ASP A 300 -2.94 4.80 -24.00
CA ASP A 300 -2.61 5.83 -24.98
C ASP A 300 -1.94 7.04 -24.32
N GLN A 301 -2.42 7.41 -23.12
CA GLN A 301 -1.80 8.51 -22.38
C GLN A 301 -0.39 8.12 -21.92
N ILE A 302 -0.25 6.90 -21.41
CA ILE A 302 1.05 6.40 -20.97
C ILE A 302 2.07 6.45 -22.10
N ASP A 303 1.71 5.91 -23.27
CA ASP A 303 2.62 5.91 -24.41
C ASP A 303 3.14 7.32 -24.73
N GLU A 304 2.28 8.33 -24.57
CA GLU A 304 2.70 9.69 -24.88
C GLU A 304 3.56 10.30 -23.77
N LEU A 305 3.09 10.16 -22.53
CA LEU A 305 3.79 10.67 -21.35
C LEU A 305 5.19 10.09 -21.20
N TYR A 306 5.31 8.79 -21.43
CA TYR A 306 6.53 8.09 -21.10
C TYR A 306 7.24 7.59 -22.34
N GLU A 307 7.12 8.35 -23.41
CA GLU A 307 7.73 7.97 -24.68
C GLU A 307 9.26 7.95 -24.57
N ASP A 308 9.82 8.61 -23.55
CA ASP A 308 11.26 8.60 -23.34
C ASP A 308 11.69 7.52 -22.35
N PHE A 309 10.74 6.68 -21.94
CA PHE A 309 10.97 5.65 -20.94
C PHE A 309 10.88 4.27 -21.59
N HIS A 310 11.49 3.27 -20.95
CA HIS A 310 11.12 1.88 -21.22
C HIS A 310 9.73 1.62 -20.63
N VAL A 311 8.77 1.31 -21.48
CA VAL A 311 7.41 1.02 -21.04
C VAL A 311 7.16 -0.44 -21.32
N VAL A 312 7.09 -1.23 -20.24
CA VAL A 312 7.01 -2.68 -20.32
C VAL A 312 5.60 -3.11 -19.98
N LYS A 313 4.90 -3.67 -20.97
CA LYS A 313 3.50 -4.00 -20.84
C LYS A 313 3.34 -5.49 -20.48
N MET A 314 2.75 -5.75 -19.32
CA MET A 314 2.60 -7.11 -18.83
C MET A 314 1.13 -7.53 -18.75
N PRO A 315 0.84 -8.77 -19.13
CA PRO A 315 -0.53 -9.29 -19.19
C PRO A 315 -1.07 -9.69 -17.83
N LEU A 316 -2.37 -9.48 -17.62
CA LEU A 316 -3.06 -10.12 -16.50
C LEU A 316 -3.09 -11.61 -16.79
N CYS A 317 -2.54 -12.40 -15.87
CA CYS A 317 -2.55 -13.86 -16.02
C CYS A 317 -3.83 -14.49 -15.49
N ALA A 318 -4.05 -15.75 -15.86
CA ALA A 318 -5.30 -16.44 -15.54
C ALA A 318 -5.32 -16.97 -14.10
N GLY A 319 -4.43 -16.43 -13.27
CA GLY A 319 -4.35 -16.79 -11.87
C GLY A 319 -3.29 -15.94 -11.21
N GLU A 320 -3.14 -16.08 -9.89
CA GLU A 320 -2.07 -15.37 -9.18
C GLU A 320 -0.72 -15.93 -9.58
N ILE A 321 0.34 -15.15 -9.39
CA ILE A 321 1.67 -15.59 -9.78
C ILE A 321 2.54 -15.84 -8.53
N ARG A 322 2.64 -17.10 -8.13
CA ARG A 322 3.36 -17.47 -6.93
C ARG A 322 4.24 -18.67 -7.16
N GLY A 323 5.37 -18.71 -6.45
CA GLY A 323 6.31 -19.80 -6.58
C GLY A 323 7.32 -19.48 -7.64
N LEU A 324 8.51 -20.04 -7.50
CA LEU A 324 9.63 -19.74 -8.39
C LEU A 324 9.31 -20.00 -9.86
N ASN A 325 8.75 -21.16 -10.14
CA ASN A 325 8.40 -21.51 -11.52
C ASN A 325 7.48 -20.50 -12.21
N ASN A 326 6.37 -20.15 -11.55
CA ASN A 326 5.42 -19.21 -12.13
C ASN A 326 5.98 -17.80 -12.30
N LEU A 327 6.70 -17.34 -11.28
CA LEU A 327 7.32 -16.01 -11.33
C LEU A 327 8.38 -15.99 -12.41
N THR A 328 9.14 -17.08 -12.51
CA THR A 328 10.14 -17.17 -13.57
C THR A 328 9.46 -17.03 -14.93
N LYS A 329 8.39 -17.78 -15.14
CA LYS A 329 7.66 -17.78 -16.39
C LYS A 329 7.11 -16.38 -16.74
N PHE A 330 6.57 -15.69 -15.75
CA PHE A 330 6.12 -14.32 -15.94
C PHE A 330 7.29 -13.41 -16.29
N SER A 331 8.42 -13.63 -15.62
CA SER A 331 9.53 -12.68 -15.67
C SER A 331 10.13 -12.54 -17.06
N GLN A 332 10.09 -13.62 -17.85
CA GLN A 332 10.67 -13.58 -19.19
C GLN A 332 10.19 -12.37 -19.97
N PHE A 333 8.97 -11.91 -19.70
CA PHE A 333 8.40 -10.81 -20.47
C PHE A 333 8.85 -9.44 -20.00
N LEU A 334 9.69 -9.40 -18.97
CA LEU A 334 10.40 -8.18 -18.62
C LEU A 334 11.66 -8.07 -19.47
N ASN A 335 12.13 -9.20 -19.98
CA ASN A 335 13.37 -9.26 -20.71
C ASN A 335 13.13 -9.19 -22.21
N LYS A 336 12.16 -9.97 -22.68
CA LYS A 336 11.71 -9.93 -24.06
C LYS A 336 10.21 -9.64 -24.09
N GLU A 337 9.84 -8.50 -24.64
CA GLU A 337 8.46 -7.99 -24.51
C GLU A 337 7.38 -9.01 -24.88
N TYR A 338 6.33 -9.05 -24.09
CA TYR A 338 5.19 -9.92 -24.35
C TYR A 338 4.46 -9.56 -25.65
N ASN A 339 4.14 -10.58 -26.43
CA ASN A 339 3.40 -10.40 -27.66
C ASN A 339 2.09 -11.16 -27.55
N PRO A 340 0.99 -10.42 -27.44
CA PRO A 340 -0.30 -11.07 -27.14
C PRO A 340 -0.65 -12.14 -28.17
N ILE A 341 -0.36 -11.88 -29.43
CA ILE A 341 -0.69 -12.85 -30.47
C ILE A 341 0.19 -14.09 -30.35
N THR A 342 1.46 -13.88 -30.04
CA THR A 342 2.42 -14.98 -30.01
C THR A 342 2.42 -15.71 -28.68
N ASP A 343 2.43 -14.96 -27.59
CA ASP A 343 2.65 -15.53 -26.28
C ASP A 343 1.37 -15.77 -25.51
N GLY A 344 0.23 -15.44 -26.14
CA GLY A 344 -1.07 -15.57 -25.53
C GLY A 344 -1.27 -16.79 -24.65
N LYS A 345 -0.79 -17.94 -25.12
CA LYS A 345 -0.98 -19.21 -24.41
C LYS A 345 -0.38 -19.17 -23.00
N VAL A 346 0.64 -18.35 -22.80
CA VAL A 346 1.40 -18.37 -21.55
C VAL A 346 0.58 -17.97 -20.33
N ILE A 347 -0.37 -17.05 -20.49
CA ILE A 347 -1.15 -16.58 -19.35
C ILE A 347 -1.95 -17.73 -18.74
N TYR A 348 -2.04 -18.86 -19.47
CA TYR A 348 -2.76 -20.03 -18.97
C TYR A 348 -1.84 -21.13 -18.44
N GLU A 349 -0.52 -20.91 -18.50
CA GLU A 349 0.44 -21.97 -18.16
C GLU A 349 0.98 -21.93 -16.73
N LEU A 350 0.30 -21.21 -15.84
CA LEU A 350 0.73 -21.17 -14.44
C LEU A 350 0.45 -22.51 -13.75
N GLU A 351 1.40 -22.96 -12.94
CA GLU A 351 1.21 -24.19 -12.17
C GLU A 351 0.71 -23.85 -10.77
N ASP A 352 0.89 -24.77 -9.83
CA ASP A 352 0.44 -24.55 -8.44
C ASP A 352 1.61 -24.36 -7.45
N THR B 4 -27.95 -16.93 10.64
CA THR B 4 -26.57 -16.76 10.17
C THR B 4 -26.20 -15.29 10.07
N VAL B 5 -24.99 -15.04 9.58
CA VAL B 5 -24.41 -13.70 9.57
C VAL B 5 -24.66 -12.98 8.24
N GLU B 6 -25.48 -11.95 8.26
CA GLU B 6 -25.85 -11.26 7.02
C GLU B 6 -24.61 -10.78 6.23
N PRO B 7 -24.60 -11.06 4.92
CA PRO B 7 -23.47 -10.74 4.04
C PRO B 7 -23.53 -9.29 3.56
N ASN B 8 -23.68 -8.37 4.50
CA ASN B 8 -23.73 -6.96 4.18
C ASN B 8 -23.31 -6.12 5.38
N LEU B 9 -23.27 -4.80 5.19
CA LEU B 9 -22.85 -3.89 6.24
C LEU B 9 -24.03 -3.07 6.73
N HIS B 10 -25.25 -3.61 6.60
CA HIS B 10 -26.43 -2.83 6.95
C HIS B 10 -26.40 -2.35 8.40
N SER B 11 -26.09 -3.28 9.31
CA SER B 11 -25.96 -2.96 10.73
C SER B 11 -25.03 -1.78 11.00
N LEU B 12 -23.89 -1.78 10.33
CA LEU B 12 -22.93 -0.69 10.52
C LEU B 12 -23.43 0.60 9.87
N ILE B 13 -23.95 0.48 8.65
CA ILE B 13 -24.47 1.63 7.93
C ILE B 13 -25.56 2.34 8.75
N THR B 14 -26.36 1.57 9.48
CA THR B 14 -27.43 2.14 10.30
C THR B 14 -27.04 2.31 11.77
N SER B 15 -25.77 2.10 12.11
CA SER B 15 -25.34 2.23 13.49
C SER B 15 -25.58 3.63 14.04
N THR B 16 -26.11 3.71 15.26
CA THR B 16 -26.24 5.00 15.91
C THR B 16 -25.24 5.16 17.05
N THR B 17 -24.32 4.22 17.16
CA THR B 17 -23.29 4.24 18.20
C THR B 17 -21.87 4.56 17.71
N HIS B 18 -21.53 4.09 16.51
CA HIS B 18 -20.14 4.17 16.06
C HIS B 18 -19.66 5.59 15.84
N LYS B 19 -18.46 5.89 16.32
CA LYS B 19 -17.86 7.21 16.15
C LYS B 19 -16.63 7.14 15.23
N TRP B 20 -16.03 5.95 15.17
CA TRP B 20 -14.77 5.78 14.47
C TRP B 20 -14.83 4.50 13.65
N ILE B 21 -14.68 4.63 12.34
CA ILE B 21 -14.76 3.48 11.45
C ILE B 21 -13.52 3.47 10.56
N PHE B 22 -12.69 2.46 10.73
CA PHE B 22 -11.49 2.32 9.93
C PHE B 22 -11.80 1.37 8.80
N VAL B 23 -11.32 1.72 7.62
CA VAL B 23 -11.40 0.84 6.46
C VAL B 23 -9.97 0.55 6.02
N GLY B 24 -9.54 -0.70 6.13
CA GLY B 24 -8.16 -1.04 5.84
C GLY B 24 -7.94 -2.35 5.14
N GLY B 25 -6.68 -2.67 4.90
CA GLY B 25 -6.30 -3.87 4.19
C GLY B 25 -5.15 -3.65 3.22
N LYS B 26 -4.86 -4.68 2.44
CA LYS B 26 -3.72 -4.69 1.52
C LYS B 26 -3.81 -3.59 0.46
N GLY B 27 -2.67 -3.19 -0.10
CA GLY B 27 -2.68 -2.22 -1.17
C GLY B 27 -3.56 -2.58 -2.35
N GLY B 28 -4.30 -1.59 -2.85
CA GLY B 28 -5.00 -1.73 -4.12
C GLY B 28 -6.25 -2.60 -4.12
N VAL B 29 -6.69 -3.03 -2.94
CA VAL B 29 -7.82 -3.95 -2.84
C VAL B 29 -9.16 -3.24 -2.93
N GLY B 30 -9.16 -1.94 -2.65
CA GLY B 30 -10.35 -1.12 -2.77
C GLY B 30 -10.74 -0.39 -1.50
N LYS B 31 -9.75 -0.15 -0.64
CA LYS B 31 -9.98 0.64 0.57
C LYS B 31 -10.63 1.98 0.25
N THR B 32 -10.06 2.72 -0.70
CA THR B 32 -10.60 4.06 -0.95
C THR B 32 -12.02 3.98 -1.53
N THR B 33 -12.18 3.12 -2.54
CA THR B 33 -13.49 2.84 -3.11
C THR B 33 -14.54 2.46 -2.05
N SER B 34 -14.18 1.55 -1.13
CA SER B 34 -15.11 1.05 -0.12
C SER B 34 -15.41 2.08 0.95
N SER B 35 -14.39 2.83 1.34
CA SER B 35 -14.56 3.79 2.41
C SER B 35 -15.44 4.92 1.90
N CYS B 36 -15.24 5.32 0.64
CA CYS B 36 -16.18 6.27 0.00
C CYS B 36 -17.58 5.70 -0.03
N SER B 37 -17.68 4.41 -0.33
CA SER B 37 -18.99 3.77 -0.44
C SER B 37 -19.71 3.70 0.91
N ILE B 38 -19.01 3.24 1.95
CA ILE B 38 -19.59 3.14 3.29
C ILE B 38 -20.06 4.50 3.77
N ALA B 39 -19.23 5.51 3.56
CA ALA B 39 -19.52 6.86 4.00
C ALA B 39 -20.77 7.41 3.31
N ILE B 40 -20.84 7.23 2.00
CA ILE B 40 -22.03 7.62 1.25
C ILE B 40 -23.25 6.91 1.80
N GLN B 41 -23.12 5.63 2.07
CA GLN B 41 -24.27 4.87 2.57
C GLN B 41 -24.68 5.36 3.95
N MET B 42 -23.70 5.68 4.79
CA MET B 42 -24.02 6.16 6.14
C MET B 42 -24.72 7.52 6.09
N ALA B 43 -24.19 8.43 5.28
CA ALA B 43 -24.75 9.75 5.13
C ALA B 43 -26.18 9.71 4.55
N LEU B 44 -26.40 8.81 3.59
CA LEU B 44 -27.72 8.69 2.97
C LEU B 44 -28.70 7.99 3.90
N SER B 45 -28.19 7.14 4.77
CA SER B 45 -29.05 6.39 5.67
C SER B 45 -29.37 7.20 6.92
N GLN B 46 -28.49 8.13 7.27
CA GLN B 46 -28.64 8.92 8.48
C GLN B 46 -28.53 10.41 8.18
N PRO B 47 -29.58 10.98 7.58
CA PRO B 47 -29.60 12.36 7.09
C PRO B 47 -29.34 13.42 8.17
N ASN B 48 -29.65 13.10 9.42
CA ASN B 48 -29.49 14.08 10.48
C ASN B 48 -28.11 14.11 11.11
N LYS B 49 -27.26 13.15 10.74
CA LYS B 49 -25.91 13.11 11.29
C LYS B 49 -24.87 13.65 10.30
N GLN B 50 -23.78 14.18 10.84
CA GLN B 50 -22.70 14.68 10.02
C GLN B 50 -21.52 13.70 9.99
N PHE B 51 -21.12 13.29 8.79
CA PHE B 51 -20.03 12.32 8.62
C PHE B 51 -18.79 12.97 7.99
N LEU B 52 -17.61 12.50 8.43
CA LEU B 52 -16.34 12.93 7.86
C LEU B 52 -15.51 11.72 7.45
N LEU B 53 -15.10 11.68 6.19
CA LEU B 53 -14.19 10.68 5.68
C LEU B 53 -12.79 11.29 5.64
N ILE B 54 -11.87 10.71 6.41
CA ILE B 54 -10.50 11.20 6.45
C ILE B 54 -9.55 10.21 5.81
N SER B 55 -8.68 10.69 4.91
CA SER B 55 -7.66 9.84 4.34
C SER B 55 -6.39 9.91 5.17
N THR B 56 -5.89 8.76 5.57
CA THR B 56 -4.60 8.70 6.29
C THR B 56 -3.52 8.09 5.40
N ASP B 57 -3.86 7.79 4.16
CA ASP B 57 -2.86 7.35 3.19
C ASP B 57 -2.07 8.57 2.72
N PRO B 58 -0.76 8.61 3.00
CA PRO B 58 0.03 9.77 2.58
C PRO B 58 -0.11 10.05 1.10
N ALA B 59 -0.36 9.01 0.30
CA ALA B 59 -0.70 9.20 -1.10
C ALA B 59 -2.23 9.28 -1.24
N HIS B 60 -2.78 10.47 -1.02
CA HIS B 60 -4.23 10.63 -0.94
C HIS B 60 -4.97 10.34 -2.25
N ASN B 61 -6.15 9.74 -2.14
CA ASN B 61 -6.96 9.49 -3.33
C ASN B 61 -8.43 9.93 -3.23
N LEU B 62 -8.81 10.57 -2.13
CA LEU B 62 -10.21 10.98 -1.95
C LEU B 62 -10.64 11.99 -3.04
N SER B 63 -9.81 13.01 -3.24
CA SER B 63 -10.03 14.00 -4.29
C SER B 63 -10.14 13.32 -5.64
N ASP B 64 -9.24 12.37 -5.89
CA ASP B 64 -9.16 11.69 -7.19
C ASP B 64 -10.34 10.74 -7.40
N ALA B 65 -10.88 10.20 -6.31
CA ALA B 65 -11.99 9.27 -6.40
C ALA B 65 -13.31 10.02 -6.63
N PHE B 66 -13.49 11.11 -5.90
CA PHE B 66 -14.69 11.92 -6.03
C PHE B 66 -14.61 12.92 -7.20
N GLY B 67 -13.40 13.14 -7.71
CA GLY B 67 -13.21 14.11 -8.77
C GLY B 67 -13.47 15.54 -8.38
N GLU B 68 -13.12 15.90 -7.15
CA GLU B 68 -13.18 17.29 -6.72
C GLU B 68 -12.10 17.52 -5.69
N LYS B 69 -11.83 18.76 -5.34
CA LYS B 69 -10.64 19.07 -4.55
C LYS B 69 -10.89 19.16 -3.04
N PHE B 70 -10.36 18.18 -2.30
CA PHE B 70 -10.34 18.24 -0.85
C PHE B 70 -8.92 18.53 -0.39
N GLY B 71 -8.76 18.89 0.89
CA GLY B 71 -7.45 19.27 1.40
C GLY B 71 -7.36 19.12 2.90
N LYS B 72 -6.56 19.97 3.53
CA LYS B 72 -6.31 19.87 4.97
C LYS B 72 -7.53 20.29 5.77
N ASP B 73 -8.38 21.12 5.19
CA ASP B 73 -9.60 21.51 5.89
C ASP B 73 -10.80 20.73 5.35
N ALA B 74 -11.55 20.12 6.26
CA ALA B 74 -12.73 19.36 5.87
C ALA B 74 -13.64 20.17 4.99
N ARG B 75 -14.24 19.52 4.00
CA ARG B 75 -15.07 20.19 3.01
C ARG B 75 -16.17 19.24 2.57
N LYS B 76 -17.38 19.76 2.39
CA LYS B 76 -18.52 18.95 1.96
C LYS B 76 -18.29 18.31 0.59
N VAL B 77 -18.69 17.05 0.45
CA VAL B 77 -18.75 16.41 -0.86
C VAL B 77 -19.90 17.02 -1.66
N THR B 78 -19.61 17.46 -2.89
CA THR B 78 -20.60 18.10 -3.74
C THR B 78 -21.71 17.12 -4.08
N GLY B 79 -22.93 17.46 -3.67
CA GLY B 79 -24.07 16.57 -3.87
C GLY B 79 -24.51 15.86 -2.60
N MET B 80 -23.83 16.12 -1.49
CA MET B 80 -24.16 15.54 -0.19
C MET B 80 -24.37 16.65 0.83
N ASN B 81 -25.39 16.50 1.67
CA ASN B 81 -25.66 17.47 2.73
C ASN B 81 -24.81 17.20 3.96
N ASN B 82 -24.50 15.93 4.19
CA ASN B 82 -23.93 15.52 5.48
C ASN B 82 -22.67 14.63 5.41
N LEU B 83 -21.94 14.69 4.31
CA LEU B 83 -20.66 13.98 4.18
C LEU B 83 -19.56 14.95 3.77
N SER B 84 -18.41 14.88 4.46
CA SER B 84 -17.25 15.71 4.14
C SER B 84 -15.99 14.83 4.01
N CYS B 85 -15.00 15.33 3.28
CA CYS B 85 -13.72 14.65 3.16
C CYS B 85 -12.60 15.58 3.60
N MET B 86 -11.54 14.99 4.15
CA MET B 86 -10.34 15.70 4.57
C MET B 86 -9.13 14.88 4.17
N GLU B 87 -8.18 15.51 3.49
CA GLU B 87 -6.92 14.84 3.20
C GLU B 87 -5.82 15.51 4.00
N ILE B 88 -5.36 14.82 5.04
CA ILE B 88 -4.33 15.35 5.93
C ILE B 88 -3.10 15.85 5.17
N ASP B 89 -2.73 17.09 5.46
CA ASP B 89 -1.64 17.75 4.74
C ASP B 89 -0.50 18.09 5.72
N PRO B 90 0.59 17.31 5.65
CA PRO B 90 1.75 17.43 6.56
C PRO B 90 2.52 18.74 6.41
N SER B 91 2.86 19.13 5.19
CA SER B 91 3.52 20.41 4.99
C SER B 91 2.75 21.50 5.72
N ALA B 92 1.50 21.68 5.33
CA ALA B 92 0.66 22.70 5.93
C ALA B 92 0.58 22.55 7.44
N ALA B 93 0.30 21.33 7.90
CA ALA B 93 0.17 21.09 9.33
C ALA B 93 1.40 21.57 10.09
N LEU B 94 2.59 21.29 9.56
CA LEU B 94 3.83 21.69 10.23
C LEU B 94 4.13 23.17 10.04
N LYS B 95 3.77 23.71 8.88
CA LYS B 95 3.88 25.14 8.62
C LYS B 95 3.08 25.90 9.66
N ASP B 96 1.87 25.43 9.93
CA ASP B 96 0.99 26.06 10.90
C ASP B 96 1.56 25.97 12.32
N MET B 97 2.08 24.81 12.69
CA MET B 97 2.71 24.66 14.00
C MET B 97 3.89 25.60 14.17
N ASN B 98 4.72 25.68 13.13
CA ASN B 98 5.90 26.53 13.15
C ASN B 98 5.50 28.00 13.31
N ASP B 99 4.52 28.42 12.51
CA ASP B 99 3.98 29.77 12.61
C ASP B 99 3.41 30.03 14.00
N MET B 100 2.62 29.09 14.50
CA MET B 100 1.93 29.25 15.78
C MET B 100 2.83 29.01 17.00
N ALA B 101 4.14 28.90 16.78
CA ALA B 101 5.08 28.73 17.88
C ALA B 101 6.50 29.12 17.49
N LEU B 126 13.14 23.80 10.35
CA LEU B 126 12.79 22.70 11.23
C LEU B 126 11.50 22.01 10.78
N ALA B 127 10.44 22.79 10.65
CA ALA B 127 9.15 22.23 10.24
C ALA B 127 9.24 21.55 8.88
N ASP B 128 10.23 21.93 8.09
CA ASP B 128 10.46 21.30 6.78
C ASP B 128 11.10 19.93 6.93
N LEU B 129 12.11 19.85 7.79
CA LEU B 129 12.90 18.64 7.89
C LEU B 129 12.15 17.54 8.64
N THR B 130 11.28 17.93 9.57
CA THR B 130 10.44 16.97 10.27
C THR B 130 9.21 16.62 9.42
N GLY B 131 8.96 17.46 8.40
CA GLY B 131 7.85 17.24 7.50
C GLY B 131 8.06 16.10 6.53
N SER B 132 9.26 15.55 6.50
CA SER B 132 9.57 14.44 5.61
C SER B 132 10.19 13.25 6.35
N ILE B 133 10.09 13.27 7.67
CA ILE B 133 10.57 12.16 8.49
C ILE B 133 9.56 11.00 8.47
N PRO B 134 10.02 9.80 8.11
CA PRO B 134 9.13 8.63 8.10
C PRO B 134 8.43 8.54 9.45
N GLY B 135 7.12 8.34 9.42
CA GLY B 135 6.33 8.29 10.64
C GLY B 135 5.52 9.56 10.83
N ILE B 136 5.93 10.64 10.19
CA ILE B 136 5.25 11.93 10.40
C ILE B 136 3.80 11.87 9.94
N ASP B 137 3.52 11.02 8.95
CA ASP B 137 2.15 10.90 8.45
C ASP B 137 1.24 10.28 9.49
N GLU B 138 1.72 9.23 10.16
CA GLU B 138 0.90 8.56 11.14
C GLU B 138 0.77 9.46 12.35
N ALA B 139 1.85 10.17 12.66
CA ALA B 139 1.85 11.12 13.76
C ALA B 139 0.80 12.20 13.56
N LEU B 140 0.77 12.77 12.35
CA LEU B 140 -0.14 13.87 12.05
C LEU B 140 -1.59 13.41 11.99
N SER B 141 -1.82 12.21 11.48
CA SER B 141 -3.15 11.66 11.44
C SER B 141 -3.71 11.49 12.85
N PHE B 142 -2.86 11.01 13.75
CA PHE B 142 -3.27 10.78 15.13
C PHE B 142 -3.56 12.10 15.82
N MET B 143 -2.69 13.09 15.60
CA MET B 143 -2.92 14.43 16.10
C MET B 143 -4.31 14.93 15.69
N GLU B 144 -4.71 14.62 14.46
CA GLU B 144 -6.04 15.03 14.01
C GLU B 144 -7.12 14.34 14.85
N VAL B 145 -6.91 13.07 15.19
CA VAL B 145 -7.86 12.37 16.06
C VAL B 145 -7.92 13.09 17.41
N MET B 146 -6.76 13.51 17.91
CA MET B 146 -6.68 14.16 19.21
C MET B 146 -7.47 15.47 19.24
N LYS B 147 -7.43 16.21 18.14
CA LYS B 147 -8.19 17.46 18.04
C LYS B 147 -9.70 17.25 18.17
N HIS B 148 -10.22 16.19 17.54
CA HIS B 148 -11.64 15.84 17.65
C HIS B 148 -12.02 15.50 19.08
N ILE B 149 -11.18 14.71 19.75
CA ILE B 149 -11.43 14.33 21.13
C ILE B 149 -11.56 15.56 22.02
N LYS B 150 -10.65 16.52 21.82
CA LYS B 150 -10.65 17.75 22.61
C LYS B 150 -11.86 18.64 22.32
N ARG B 151 -12.40 18.55 21.11
CA ARG B 151 -13.63 19.26 20.76
C ARG B 151 -14.86 18.49 21.25
N GLN B 152 -14.70 17.17 21.37
CA GLN B 152 -15.72 16.33 21.99
C GLN B 152 -16.04 16.87 23.38
N GLU B 153 -15.06 17.56 23.97
CA GLU B 153 -15.18 18.05 25.33
C GLU B 153 -14.95 19.56 25.41
N THR B 159 -19.52 19.27 15.87
CA THR B 159 -18.44 18.58 15.18
C THR B 159 -19.01 17.69 14.09
N PHE B 160 -18.35 16.55 13.86
CA PHE B 160 -18.92 15.47 13.09
C PHE B 160 -19.33 14.38 14.06
N ASP B 161 -20.35 13.62 13.72
CA ASP B 161 -20.84 12.58 14.60
C ASP B 161 -20.01 11.32 14.46
N THR B 162 -19.53 11.07 13.25
CA THR B 162 -18.83 9.84 12.95
C THR B 162 -17.71 10.12 11.96
N VAL B 163 -16.55 9.51 12.18
CA VAL B 163 -15.42 9.68 11.29
C VAL B 163 -15.05 8.35 10.66
N ILE B 164 -15.00 8.34 9.34
CA ILE B 164 -14.53 7.17 8.60
C ILE B 164 -13.11 7.42 8.09
N PHE B 165 -12.23 6.47 8.34
CA PHE B 165 -10.85 6.59 7.91
C PHE B 165 -10.60 5.72 6.71
N ASP B 166 -10.20 6.36 5.61
CA ASP B 166 -9.64 5.67 4.46
C ASP B 166 -8.14 5.51 4.72
N THR B 167 -7.71 4.34 5.19
CA THR B 167 -6.35 4.19 5.73
C THR B 167 -5.30 3.81 4.71
N ALA B 168 -4.04 4.01 5.08
CA ALA B 168 -2.91 3.52 4.31
C ALA B 168 -2.92 2.00 4.25
N PRO B 169 -2.27 1.42 3.24
CA PRO B 169 -2.19 -0.03 3.21
C PRO B 169 -1.70 -0.59 4.54
N THR B 170 -2.06 -1.85 4.76
CA THR B 170 -1.85 -2.58 6.00
C THR B 170 -0.68 -2.19 6.89
N GLY B 171 0.54 -2.36 6.38
CA GLY B 171 1.72 -2.24 7.22
C GLY B 171 1.82 -0.96 8.02
N HIS B 172 1.51 0.16 7.40
CA HIS B 172 1.65 1.44 8.08
C HIS B 172 0.42 1.80 8.92
N THR B 173 -0.73 1.22 8.57
CA THR B 173 -1.94 1.46 9.36
C THR B 173 -1.86 0.80 10.76
N LEU B 174 -1.24 -0.37 10.83
CA LEU B 174 -0.95 -1.02 12.11
C LEU B 174 -0.07 -0.14 13.03
N ARG B 175 0.87 0.58 12.44
CA ARG B 175 1.68 1.52 13.21
C ARG B 175 0.79 2.63 13.76
N PHE B 176 -0.10 3.15 12.93
CA PHE B 176 -1.04 4.17 13.38
C PHE B 176 -1.88 3.62 14.54
N LEU B 177 -2.41 2.42 14.38
CA LEU B 177 -3.31 1.87 15.37
C LEU B 177 -2.58 1.42 16.65
N GLN B 178 -1.26 1.37 16.60
CA GLN B 178 -0.45 1.07 17.79
C GLN B 178 -0.21 2.35 18.61
N LEU B 179 -0.35 3.51 17.96
CA LEU B 179 -0.01 4.81 18.57
C LEU B 179 -0.48 5.04 20.01
N PRO B 180 -1.77 4.75 20.30
CA PRO B 180 -2.21 5.04 21.67
C PRO B 180 -1.22 4.45 22.66
N ASN B 181 -0.82 3.20 22.47
CA ASN B 181 0.17 2.58 23.34
C ASN B 181 1.59 3.14 23.15
N THR B 182 2.10 3.11 21.93
CA THR B 182 3.43 3.66 21.71
C THR B 182 3.56 5.03 22.37
N LEU B 183 2.48 5.81 22.31
CA LEU B 183 2.51 7.21 22.71
C LEU B 183 2.48 7.39 24.24
N SER B 184 1.62 6.65 24.92
CA SER B 184 1.55 6.79 26.36
C SER B 184 2.92 6.46 26.98
N LYS B 185 3.61 5.48 26.39
CA LYS B 185 4.95 5.13 26.85
C LYS B 185 5.98 6.20 26.55
N LEU B 186 5.95 6.73 25.33
CA LEU B 186 6.90 7.78 24.96
C LEU B 186 6.74 8.99 25.87
N LEU B 187 5.48 9.39 26.11
CA LEU B 187 5.16 10.51 26.97
C LEU B 187 5.66 10.28 28.40
N GLU B 188 5.48 9.07 28.89
CA GLU B 188 6.01 8.66 30.19
C GLU B 188 7.52 8.79 30.22
N LYS B 189 8.18 8.27 29.18
CA LYS B 189 9.63 8.37 29.07
C LYS B 189 10.08 9.81 28.93
N PHE B 190 9.33 10.59 28.15
CA PHE B 190 9.65 12.00 27.99
C PHE B 190 9.65 12.70 29.34
N GLY B 191 8.67 12.40 30.19
CA GLY B 191 8.60 12.96 31.53
C GLY B 191 9.78 12.56 32.40
N GLU B 192 10.22 11.32 32.28
CA GLU B 192 11.42 10.85 32.99
C GLU B 192 12.69 11.63 32.56
N ILE B 193 12.88 11.81 31.25
CA ILE B 193 14.03 12.61 30.77
C ILE B 193 14.01 14.01 31.39
N THR B 194 12.82 14.61 31.39
CA THR B 194 12.66 15.97 31.91
C THR B 194 13.02 16.06 33.39
N ASN B 195 12.62 15.06 34.18
CA ASN B 195 12.98 15.02 35.59
C ASN B 195 14.48 14.97 35.76
N LYS B 196 15.14 14.18 34.93
CA LYS B 196 16.59 14.02 35.00
C LYS B 196 17.34 15.26 34.50
N LEU B 197 16.79 15.91 33.48
CA LEU B 197 17.45 17.06 32.85
C LEU B 197 16.91 18.41 33.32
N GLY B 198 16.44 18.46 34.57
CA GLY B 198 15.93 19.67 35.18
C GLY B 198 15.56 20.77 34.21
N ILE B 212 4.80 22.17 32.47
CA ILE B 212 5.23 21.16 31.50
C ILE B 212 4.70 19.78 31.87
N SER B 213 4.73 19.47 33.15
CA SER B 213 4.09 18.27 33.66
C SER B 213 2.60 18.36 33.39
N GLY B 214 2.08 19.58 33.42
CA GLY B 214 0.67 19.82 33.17
C GLY B 214 0.28 19.44 31.76
N LYS B 215 1.13 19.76 30.79
CA LYS B 215 0.81 19.46 29.41
C LYS B 215 1.02 17.99 29.06
N LEU B 216 1.98 17.35 29.73
CA LEU B 216 2.20 15.94 29.49
C LEU B 216 0.95 15.19 29.93
N ASN B 217 0.40 15.59 31.07
CA ASN B 217 -0.79 14.96 31.60
C ASN B 217 -2.01 15.18 30.70
N GLU B 218 -2.15 16.39 30.18
CA GLU B 218 -3.20 16.66 29.21
C GLU B 218 -3.02 15.71 28.02
N LEU B 219 -1.82 15.64 27.49
CA LEU B 219 -1.53 14.78 26.34
C LEU B 219 -1.87 13.32 26.68
N LYS B 220 -1.36 12.86 27.82
CA LYS B 220 -1.61 11.48 28.23
C LYS B 220 -3.09 11.19 28.41
N ALA B 221 -3.81 12.11 29.06
CA ALA B 221 -5.24 11.95 29.24
C ALA B 221 -5.96 11.85 27.90
N ASN B 222 -5.50 12.63 26.91
CA ASN B 222 -6.14 12.60 25.60
C ASN B 222 -5.88 11.25 24.91
N VAL B 223 -4.66 10.75 24.99
CA VAL B 223 -4.32 9.45 24.43
C VAL B 223 -5.19 8.36 25.06
N GLU B 224 -5.41 8.46 26.37
CA GLU B 224 -6.19 7.46 27.09
C GLU B 224 -7.65 7.42 26.60
N THR B 225 -8.22 8.59 26.39
CA THR B 225 -9.58 8.68 25.90
C THR B 225 -9.69 7.98 24.55
N ILE B 226 -8.69 8.21 23.70
CA ILE B 226 -8.63 7.60 22.38
C ILE B 226 -8.51 6.07 22.47
N ARG B 227 -7.61 5.60 23.31
CA ARG B 227 -7.46 4.17 23.54
C ARG B 227 -8.79 3.58 24.02
N GLN B 228 -9.43 4.25 24.98
CA GLN B 228 -10.71 3.77 25.48
C GLN B 228 -11.78 3.68 24.39
N GLN B 229 -11.87 4.71 23.56
CA GLN B 229 -12.87 4.73 22.51
C GLN B 229 -12.53 3.73 21.40
N PHE B 230 -11.25 3.65 21.04
CA PHE B 230 -10.83 2.72 19.97
C PHE B 230 -11.05 1.26 20.36
N THR B 231 -11.07 0.97 21.66
CA THR B 231 -11.23 -0.41 22.11
C THR B 231 -12.64 -0.71 22.58
N ASP B 232 -13.55 0.20 22.27
CA ASP B 232 -14.97 0.04 22.57
C ASP B 232 -15.71 -0.39 21.29
N PRO B 233 -16.20 -1.64 21.27
CA PRO B 233 -16.79 -2.27 20.08
C PRO B 233 -18.00 -1.51 19.54
N ASP B 234 -18.71 -0.79 20.39
CA ASP B 234 -19.88 -0.07 19.94
C ASP B 234 -19.50 1.29 19.37
N LEU B 235 -18.29 1.76 19.69
CA LEU B 235 -17.82 3.06 19.21
C LEU B 235 -16.89 2.95 17.99
N THR B 236 -16.03 1.95 17.98
CA THR B 236 -15.13 1.78 16.83
C THR B 236 -15.09 0.37 16.26
N THR B 237 -15.02 0.30 14.95
CA THR B 237 -14.79 -0.96 14.28
C THR B 237 -13.80 -0.75 13.13
N PHE B 238 -13.19 -1.84 12.70
CA PHE B 238 -12.25 -1.83 11.59
C PHE B 238 -12.84 -2.76 10.53
N VAL B 239 -13.23 -2.21 9.39
CA VAL B 239 -13.71 -3.00 8.27
C VAL B 239 -12.54 -3.37 7.37
N CYS B 240 -12.27 -4.67 7.19
CA CYS B 240 -11.18 -5.08 6.30
C CYS B 240 -11.62 -5.19 4.86
N VAL B 241 -10.75 -4.82 3.92
CA VAL B 241 -11.03 -5.05 2.50
C VAL B 241 -9.96 -5.97 1.94
N CYS B 242 -10.35 -6.91 1.10
CA CYS B 242 -9.41 -7.84 0.51
C CYS B 242 -9.86 -8.25 -0.88
N ILE B 243 -8.98 -8.95 -1.60
CA ILE B 243 -9.38 -9.62 -2.83
C ILE B 243 -9.15 -11.09 -2.62
N SER B 244 -9.78 -11.92 -3.45
CA SER B 244 -9.78 -13.35 -3.17
C SER B 244 -8.55 -14.01 -3.82
N GLU B 245 -7.40 -13.71 -3.24
CA GLU B 245 -6.11 -14.20 -3.73
C GLU B 245 -5.22 -14.46 -2.52
N PHE B 246 -4.26 -15.36 -2.66
CA PHE B 246 -3.46 -15.79 -1.52
C PHE B 246 -2.82 -14.60 -0.80
N LEU B 247 -2.18 -13.72 -1.54
CA LEU B 247 -1.41 -12.66 -0.91
C LEU B 247 -2.29 -11.74 -0.07
N SER B 248 -3.47 -11.41 -0.58
CA SER B 248 -4.42 -10.61 0.18
C SER B 248 -5.01 -11.38 1.37
N LEU B 249 -5.43 -12.62 1.14
CA LEU B 249 -6.06 -13.39 2.21
C LEU B 249 -5.15 -13.56 3.42
N TYR B 250 -3.90 -13.94 3.17
CA TYR B 250 -2.98 -14.21 4.27
C TYR B 250 -2.68 -12.90 5.00
N GLU B 251 -2.49 -11.83 4.25
CA GLU B 251 -2.23 -10.54 4.89
C GLU B 251 -3.44 -10.09 5.71
N THR B 252 -4.64 -10.35 5.21
CA THR B 252 -5.85 -9.97 5.92
C THR B 252 -5.99 -10.74 7.26
N GLU B 253 -5.75 -12.05 7.24
CA GLU B 253 -5.79 -12.84 8.47
C GLU B 253 -4.80 -12.29 9.50
N ARG B 254 -3.56 -12.05 9.09
CA ARG B 254 -2.56 -11.52 10.03
C ARG B 254 -2.94 -10.13 10.57
N LEU B 255 -3.44 -9.27 9.68
CA LEU B 255 -3.95 -7.96 10.08
C LEU B 255 -5.04 -8.09 11.14
N ILE B 256 -5.99 -8.99 10.89
CA ILE B 256 -7.10 -9.16 11.81
C ILE B 256 -6.64 -9.70 13.18
N GLN B 257 -5.67 -10.61 13.17
CA GLN B 257 -5.14 -11.15 14.40
C GLN B 257 -4.45 -10.05 15.17
N GLU B 258 -3.74 -9.20 14.45
CA GLU B 258 -3.01 -8.10 15.07
C GLU B 258 -4.02 -7.13 15.69
N LEU B 259 -5.09 -6.82 14.95
CA LEU B 259 -6.14 -5.93 15.44
C LEU B 259 -6.85 -6.46 16.67
N ILE B 260 -7.21 -7.73 16.65
CA ILE B 260 -7.87 -8.32 17.80
C ILE B 260 -6.95 -8.26 19.03
N SER B 261 -5.65 -8.49 18.82
CA SER B 261 -4.70 -8.42 19.92
C SER B 261 -4.55 -7.00 20.50
N TYR B 262 -4.97 -5.99 19.75
CA TYR B 262 -4.98 -4.63 20.29
C TYR B 262 -6.33 -4.34 20.94
N ASP B 263 -7.22 -5.34 20.96
CA ASP B 263 -8.61 -5.13 21.40
C ASP B 263 -9.36 -4.16 20.49
N MET B 264 -9.04 -4.18 19.20
CA MET B 264 -9.81 -3.43 18.22
C MET B 264 -10.87 -4.38 17.62
N ASP B 265 -12.10 -3.88 17.49
CA ASP B 265 -13.18 -4.69 16.94
C ASP B 265 -13.06 -4.85 15.42
N VAL B 266 -13.25 -6.07 14.94
CA VAL B 266 -13.46 -6.32 13.52
C VAL B 266 -14.50 -7.39 13.36
N ASN B 267 -15.56 -7.07 12.63
CA ASN B 267 -16.66 -8.00 12.48
C ASN B 267 -17.09 -8.03 11.02
N SER B 268 -16.39 -7.26 10.18
CA SER B 268 -16.78 -7.10 8.79
C SER B 268 -15.61 -7.18 7.83
N ILE B 269 -15.82 -7.86 6.71
CA ILE B 269 -14.81 -8.00 5.68
C ILE B 269 -15.48 -7.82 4.32
N ILE B 270 -14.98 -6.87 3.54
CA ILE B 270 -15.40 -6.72 2.16
C ILE B 270 -14.46 -7.49 1.25
N VAL B 271 -15.00 -8.44 0.48
CA VAL B 271 -14.18 -9.13 -0.52
C VAL B 271 -14.53 -8.50 -1.85
N ASN B 272 -13.56 -7.79 -2.42
CA ASN B 272 -13.79 -6.92 -3.57
C ASN B 272 -13.30 -7.51 -4.91
N GLN B 273 -13.76 -6.93 -6.01
CA GLN B 273 -13.26 -7.28 -7.35
C GLN B 273 -13.52 -8.75 -7.74
N LEU B 274 -14.63 -9.31 -7.25
CA LEU B 274 -15.00 -10.68 -7.59
C LEU B 274 -15.62 -10.81 -8.99
N LEU B 275 -15.27 -11.87 -9.68
CA LEU B 275 -15.73 -12.08 -11.06
C LEU B 275 -17.12 -12.70 -11.18
N PHE B 276 -17.47 -13.60 -10.25
CA PHE B 276 -18.75 -14.31 -10.33
C PHE B 276 -18.96 -14.87 -11.75
N ALA B 277 -17.93 -15.50 -12.32
CA ALA B 277 -17.97 -15.90 -13.73
C ALA B 277 -18.90 -17.07 -14.03
N GLU B 278 -19.49 -17.64 -12.99
CA GLU B 278 -20.49 -18.69 -13.17
C GLU B 278 -21.84 -18.06 -13.52
N ASN B 279 -21.92 -16.75 -13.31
CA ASN B 279 -23.15 -16.01 -13.62
C ASN B 279 -22.94 -15.07 -14.81
N HIS B 283 -21.61 -15.90 -21.21
CA HIS B 283 -20.52 -15.27 -21.96
C HIS B 283 -19.41 -14.76 -21.05
N ASN B 284 -18.63 -15.67 -20.48
CA ASN B 284 -17.41 -15.33 -19.77
C ASN B 284 -16.22 -16.01 -20.45
N CYS B 285 -15.13 -15.27 -20.63
CA CYS B 285 -13.99 -15.77 -21.38
C CYS B 285 -13.13 -16.80 -20.59
N LYS B 286 -12.20 -17.45 -21.29
CA LYS B 286 -11.34 -18.44 -20.63
C LYS B 286 -10.62 -17.83 -19.42
N ARG B 287 -10.15 -16.59 -19.58
CA ARG B 287 -9.39 -15.96 -18.50
C ARG B 287 -10.25 -15.74 -17.27
N CYS B 288 -11.42 -15.14 -17.46
CA CYS B 288 -12.36 -14.91 -16.36
C CYS B 288 -12.76 -16.18 -15.64
N GLN B 289 -12.91 -17.25 -16.38
CA GLN B 289 -13.36 -18.52 -15.78
C GLN B 289 -12.25 -19.16 -14.95
N ALA B 290 -11.02 -19.10 -15.46
CA ALA B 290 -9.89 -19.61 -14.70
C ALA B 290 -9.70 -18.75 -13.44
N ARG B 291 -9.71 -17.43 -13.61
CA ARG B 291 -9.53 -16.53 -12.47
C ARG B 291 -10.64 -16.68 -11.41
N TRP B 292 -11.86 -16.88 -11.88
CA TRP B 292 -12.99 -17.09 -10.96
C TRP B 292 -12.82 -18.40 -10.20
N LYS B 293 -12.29 -19.41 -10.87
CA LYS B 293 -11.98 -20.66 -10.19
C LYS B 293 -11.00 -20.43 -9.04
N MET B 294 -10.03 -19.55 -9.26
CA MET B 294 -9.08 -19.19 -8.21
C MET B 294 -9.79 -18.41 -7.11
N GLN B 295 -10.58 -17.43 -7.50
CA GLN B 295 -11.27 -16.61 -6.52
C GLN B 295 -12.18 -17.47 -5.65
N LYS B 296 -12.86 -18.44 -6.26
CA LYS B 296 -13.75 -19.32 -5.52
C LYS B 296 -13.00 -20.20 -4.55
N LYS B 297 -11.81 -20.65 -4.94
CA LYS B 297 -11.02 -21.47 -4.04
C LYS B 297 -10.76 -20.70 -2.74
N TYR B 298 -10.36 -19.43 -2.86
CA TYR B 298 -10.12 -18.62 -1.66
C TYR B 298 -11.39 -18.16 -0.98
N LEU B 299 -12.45 -18.00 -1.77
CA LEU B 299 -13.75 -17.62 -1.22
C LEU B 299 -14.25 -18.72 -0.28
N ASP B 300 -14.00 -19.98 -0.65
CA ASP B 300 -14.36 -21.11 0.21
C ASP B 300 -13.61 -21.08 1.55
N GLN B 301 -12.34 -20.73 1.53
CA GLN B 301 -11.57 -20.62 2.77
C GLN B 301 -12.07 -19.43 3.60
N ILE B 302 -12.34 -18.34 2.91
CA ILE B 302 -12.87 -17.14 3.53
C ILE B 302 -14.20 -17.42 4.25
N ASP B 303 -15.05 -18.24 3.63
CA ASP B 303 -16.35 -18.54 4.19
C ASP B 303 -16.20 -19.28 5.52
N GLU B 304 -15.20 -20.15 5.60
CA GLU B 304 -14.95 -20.92 6.82
C GLU B 304 -14.19 -20.10 7.87
N LEU B 305 -13.13 -19.41 7.44
CA LEU B 305 -12.33 -18.59 8.34
C LEU B 305 -13.17 -17.50 9.00
N TYR B 306 -14.05 -16.88 8.23
CA TYR B 306 -14.77 -15.70 8.71
C TYR B 306 -16.28 -15.93 8.83
N GLU B 307 -16.66 -17.15 9.18
CA GLU B 307 -18.08 -17.48 9.31
C GLU B 307 -18.78 -16.63 10.36
N ASP B 308 -18.02 -16.10 11.32
CA ASP B 308 -18.59 -15.27 12.37
C ASP B 308 -18.59 -13.78 12.03
N PHE B 309 -18.17 -13.44 10.81
CA PHE B 309 -18.07 -12.05 10.37
C PHE B 309 -19.13 -11.76 9.32
N HIS B 310 -19.46 -10.49 9.14
CA HIS B 310 -20.16 -10.10 7.91
C HIS B 310 -19.18 -10.14 6.76
N VAL B 311 -19.39 -11.07 5.82
CA VAL B 311 -18.54 -11.16 4.64
C VAL B 311 -19.33 -10.59 3.46
N VAL B 312 -18.87 -9.47 2.92
CA VAL B 312 -19.63 -8.73 1.91
C VAL B 312 -18.93 -8.85 0.57
N LYS B 313 -19.54 -9.58 -0.34
CA LYS B 313 -18.92 -9.90 -1.63
C LYS B 313 -19.31 -8.88 -2.69
N MET B 314 -18.31 -8.22 -3.27
CA MET B 314 -18.51 -7.12 -4.23
C MET B 314 -17.91 -7.48 -5.58
N PRO B 315 -18.64 -7.17 -6.67
CA PRO B 315 -18.23 -7.49 -8.05
C PRO B 315 -17.16 -6.56 -8.62
N LEU B 316 -16.28 -7.10 -9.45
CA LEU B 316 -15.45 -6.26 -10.32
C LEU B 316 -16.37 -5.63 -11.36
N CYS B 317 -16.39 -4.30 -11.42
CA CYS B 317 -17.21 -3.61 -12.40
C CYS B 317 -16.45 -3.43 -13.74
N ALA B 318 -17.18 -3.06 -14.79
CA ALA B 318 -16.63 -2.99 -16.14
C ALA B 318 -15.82 -1.71 -16.39
N GLY B 319 -15.46 -1.03 -15.31
CA GLY B 319 -14.64 0.15 -15.39
C GLY B 319 -14.28 0.57 -13.98
N GLU B 320 -13.35 1.53 -13.86
CA GLU B 320 -13.01 2.10 -12.56
C GLU B 320 -14.23 2.81 -11.97
N ILE B 321 -14.29 2.92 -10.65
CA ILE B 321 -15.45 3.51 -9.98
C ILE B 321 -15.11 4.87 -9.38
N ARG B 322 -15.50 5.93 -10.08
CA ARG B 322 -15.15 7.30 -9.67
C ARG B 322 -16.33 8.25 -9.83
N GLY B 323 -16.34 9.32 -9.03
CA GLY B 323 -17.43 10.27 -9.03
C GLY B 323 -18.56 9.84 -8.09
N LEU B 324 -19.30 10.80 -7.56
CA LEU B 324 -20.37 10.51 -6.61
C LEU B 324 -21.37 9.50 -7.15
N ASN B 325 -21.83 9.74 -8.37
CA ASN B 325 -22.87 8.90 -8.97
C ASN B 325 -22.49 7.42 -8.97
N ASN B 326 -21.32 7.12 -9.55
CA ASN B 326 -20.90 5.73 -9.66
C ASN B 326 -20.57 5.09 -8.33
N LEU B 327 -19.95 5.86 -7.44
CA LEU B 327 -19.64 5.37 -6.09
C LEU B 327 -20.91 5.02 -5.34
N THR B 328 -21.94 5.87 -5.49
CA THR B 328 -23.22 5.60 -4.85
C THR B 328 -23.84 4.31 -5.39
N LYS B 329 -23.85 4.17 -6.71
CA LYS B 329 -24.39 2.98 -7.35
C LYS B 329 -23.74 1.71 -6.80
N PHE B 330 -22.42 1.70 -6.82
CA PHE B 330 -21.63 0.60 -6.26
C PHE B 330 -21.95 0.39 -4.78
N SER B 331 -22.04 1.49 -4.03
CA SER B 331 -22.21 1.44 -2.58
C SER B 331 -23.49 0.76 -2.12
N GLN B 332 -24.51 0.73 -2.98
CA GLN B 332 -25.76 0.08 -2.59
C GLN B 332 -25.52 -1.38 -2.21
N PHE B 333 -24.49 -2.01 -2.76
CA PHE B 333 -24.29 -3.43 -2.51
C PHE B 333 -23.58 -3.77 -1.20
N LEU B 334 -23.14 -2.73 -0.50
CA LEU B 334 -22.68 -2.90 0.88
C LEU B 334 -23.89 -2.97 1.82
N ASN B 335 -24.98 -2.32 1.42
CA ASN B 335 -26.18 -2.25 2.25
C ASN B 335 -27.07 -3.46 1.98
N LYS B 336 -27.34 -3.70 0.70
CA LYS B 336 -28.12 -4.84 0.25
C LYS B 336 -27.22 -5.70 -0.64
N GLU B 337 -26.94 -6.93 -0.21
CA GLU B 337 -25.93 -7.76 -0.89
C GLU B 337 -26.13 -7.92 -2.39
N TYR B 338 -25.02 -7.87 -3.12
CA TYR B 338 -25.02 -8.08 -4.56
C TYR B 338 -25.51 -9.49 -4.86
N ASN B 339 -26.47 -9.57 -5.77
CA ASN B 339 -26.91 -10.85 -6.30
C ASN B 339 -26.58 -10.89 -7.77
N PRO B 340 -25.62 -11.75 -8.15
CA PRO B 340 -25.07 -11.85 -9.51
C PRO B 340 -26.17 -12.13 -10.54
N ILE B 341 -27.19 -12.89 -10.17
CA ILE B 341 -28.28 -13.15 -11.11
C ILE B 341 -29.02 -11.86 -11.43
N THR B 342 -29.47 -11.19 -10.38
CA THR B 342 -30.41 -10.09 -10.50
C THR B 342 -29.77 -8.70 -10.71
N ASP B 343 -28.57 -8.51 -10.16
CA ASP B 343 -27.92 -7.19 -10.16
C ASP B 343 -26.82 -7.06 -11.21
N GLY B 344 -26.55 -8.16 -11.92
CA GLY B 344 -25.45 -8.23 -12.86
C GLY B 344 -25.25 -7.07 -13.84
N LYS B 345 -26.34 -6.41 -14.25
CA LYS B 345 -26.23 -5.34 -15.23
C LYS B 345 -25.60 -4.08 -14.66
N VAL B 346 -25.63 -3.94 -13.35
CA VAL B 346 -25.14 -2.74 -12.72
C VAL B 346 -23.64 -2.53 -12.98
N ILE B 347 -22.90 -3.61 -13.16
CA ILE B 347 -21.46 -3.48 -13.37
C ILE B 347 -21.12 -2.83 -14.70
N TYR B 348 -22.10 -2.75 -15.61
CA TYR B 348 -21.90 -2.10 -16.90
C TYR B 348 -22.46 -0.68 -16.88
N GLU B 349 -23.08 -0.30 -15.77
CA GLU B 349 -23.81 0.96 -15.69
C GLU B 349 -23.01 2.17 -15.24
N LEU B 350 -21.68 2.04 -15.18
CA LEU B 350 -20.87 3.20 -14.85
C LEU B 350 -20.89 4.19 -16.01
N LEU C 4 -33.57 -15.56 18.61
CA LEU C 4 -32.52 -14.70 19.17
C LEU C 4 -32.77 -13.23 18.90
N THR C 5 -32.68 -12.40 19.94
CA THR C 5 -32.84 -10.96 19.74
C THR C 5 -31.65 -10.40 18.98
N GLU C 6 -31.75 -9.13 18.61
CA GLU C 6 -30.65 -8.44 17.96
C GLU C 6 -29.45 -8.41 18.90
N ALA C 7 -29.67 -7.99 20.14
CA ALA C 7 -28.60 -7.89 21.11
C ALA C 7 -27.95 -9.23 21.45
N GLU C 8 -28.75 -10.29 21.47
CA GLU C 8 -28.25 -11.63 21.78
C GLU C 8 -27.31 -12.10 20.67
N LYS C 9 -27.75 -11.98 19.43
CA LYS C 9 -26.95 -12.41 18.30
C LYS C 9 -25.62 -11.66 18.26
N ARG C 10 -25.66 -10.37 18.59
CA ARG C 10 -24.45 -9.56 18.60
C ARG C 10 -23.43 -10.06 19.61
N ARG C 11 -23.88 -10.35 20.83
CA ARG C 11 -22.96 -10.80 21.87
C ARG C 11 -22.41 -12.18 21.55
N LEU C 12 -23.26 -13.04 21.00
CA LEU C 12 -22.84 -14.39 20.63
C LEU C 12 -21.71 -14.35 19.58
N LEU C 13 -21.92 -13.60 18.51
CA LEU C 13 -20.93 -13.53 17.43
C LEU C 13 -19.63 -12.91 17.92
N ARG C 14 -19.75 -11.86 18.72
CA ARG C 14 -18.58 -11.24 19.33
C ARG C 14 -17.75 -12.30 20.05
N GLU C 15 -18.42 -13.11 20.85
CA GLU C 15 -17.75 -14.15 21.63
C GLU C 15 -17.14 -15.24 20.74
N ARG C 16 -17.89 -15.66 19.73
CA ARG C 16 -17.38 -16.66 18.80
C ARG C 16 -16.17 -16.16 18.02
N ARG C 17 -16.25 -14.92 17.51
CA ARG C 17 -15.11 -14.34 16.80
C ARG C 17 -13.89 -14.33 17.71
N GLN C 18 -14.10 -13.89 18.95
CA GLN C 18 -13.02 -13.81 19.92
C GLN C 18 -12.44 -15.19 20.19
N LYS C 19 -13.32 -16.17 20.39
CA LYS C 19 -12.89 -17.52 20.74
C LYS C 19 -11.95 -18.12 19.67
N LYS C 20 -12.19 -17.79 18.40
CA LYS C 20 -11.40 -18.37 17.32
C LYS C 20 -9.93 -17.95 17.34
N PHE C 21 -9.65 -16.80 17.96
CA PHE C 21 -8.29 -16.30 18.06
C PHE C 21 -7.66 -16.55 19.45
N SER C 22 -8.45 -17.09 20.37
CA SER C 22 -8.00 -17.35 21.74
C SER C 22 -7.07 -18.54 21.84
N ASN C 23 -6.24 -18.57 22.89
CA ASN C 23 -5.18 -19.57 23.02
C ASN C 23 -4.37 -19.68 21.74
N GLY C 24 -4.31 -20.90 21.20
CA GLY C 24 -3.56 -21.16 19.98
C GLY C 24 -4.41 -21.12 18.73
N GLY C 25 -5.59 -20.49 18.83
CA GLY C 25 -6.48 -20.38 17.69
C GLY C 25 -5.84 -19.64 16.53
N ALA C 26 -5.24 -18.50 16.84
CA ALA C 26 -4.59 -17.66 15.83
C ALA C 26 -3.50 -18.42 15.06
N SER C 27 -2.62 -19.10 15.79
CA SER C 27 -1.55 -19.85 15.15
C SER C 27 -2.13 -20.93 14.26
N SER C 28 -3.17 -21.61 14.75
CA SER C 28 -3.83 -22.64 13.96
C SER C 28 -4.40 -22.07 12.66
N ARG C 29 -5.06 -20.92 12.74
CA ARG C 29 -5.65 -20.32 11.55
C ARG C 29 -4.59 -20.02 10.49
N LEU C 30 -3.41 -19.61 10.92
CA LEU C 30 -2.34 -19.29 9.97
C LEU C 30 -1.90 -20.55 9.21
N ASN C 31 -1.73 -21.64 9.95
CA ASN C 31 -1.34 -22.92 9.35
C ASN C 31 -2.34 -23.45 8.33
N LYS C 32 -3.62 -23.30 8.62
CA LYS C 32 -4.65 -23.77 7.69
C LYS C 32 -4.63 -22.93 6.42
N ILE C 33 -4.22 -21.67 6.52
CA ILE C 33 -4.04 -20.85 5.32
C ILE C 33 -2.78 -21.28 4.54
N THR C 34 -1.67 -21.45 5.25
CA THR C 34 -0.44 -21.91 4.62
C THR C 34 -0.42 -23.43 4.53
N LEU D 4 23.68 5.66 -34.73
CA LEU D 4 23.36 6.05 -33.36
C LEU D 4 23.67 4.94 -32.35
N THR D 5 24.82 5.02 -31.69
CA THR D 5 25.23 4.01 -30.74
C THR D 5 24.30 3.99 -29.52
N GLU D 6 24.37 2.91 -28.74
CA GLU D 6 23.54 2.78 -27.54
C GLU D 6 23.93 3.82 -26.50
N ALA D 7 25.20 4.18 -26.47
CA ALA D 7 25.69 5.20 -25.56
C ALA D 7 25.09 6.57 -25.91
N GLU D 8 25.07 6.90 -27.20
CA GLU D 8 24.49 8.16 -27.65
C GLU D 8 22.98 8.20 -27.38
N LYS D 9 22.28 7.11 -27.72
CA LYS D 9 20.84 7.02 -27.49
C LYS D 9 20.49 7.09 -26.00
N ARG D 10 21.27 6.41 -25.16
CA ARG D 10 21.04 6.47 -23.72
C ARG D 10 21.12 7.91 -23.25
N ARG D 11 22.11 8.64 -23.76
CA ARG D 11 22.30 10.01 -23.34
C ARG D 11 21.17 10.92 -23.86
N LEU D 12 20.76 10.73 -25.11
CA LEU D 12 19.66 11.50 -25.66
C LEU D 12 18.35 11.29 -24.89
N LEU D 13 18.02 10.03 -24.61
CA LEU D 13 16.80 9.72 -23.89
C LEU D 13 16.81 10.33 -22.49
N ARG D 14 17.97 10.35 -21.88
CA ARG D 14 18.08 10.85 -20.52
C ARG D 14 17.82 12.35 -20.51
N GLU D 15 18.45 13.07 -21.45
CA GLU D 15 18.23 14.52 -21.55
C GLU D 15 16.76 14.81 -21.85
N ARG D 16 16.15 14.01 -22.71
CA ARG D 16 14.74 14.21 -23.04
C ARG D 16 13.84 14.05 -21.81
N ARG D 17 14.02 12.94 -21.08
CA ARG D 17 13.25 12.72 -19.87
C ARG D 17 13.32 13.93 -18.95
N GLN D 18 14.53 14.40 -18.67
CA GLN D 18 14.69 15.49 -17.72
C GLN D 18 13.97 16.75 -18.21
N LYS D 19 14.07 17.01 -19.50
CA LYS D 19 13.50 18.22 -20.06
C LYS D 19 11.96 18.28 -19.94
N LYS D 20 11.31 17.12 -20.00
CA LYS D 20 9.86 17.09 -19.89
C LYS D 20 9.37 17.58 -18.53
N PHE D 21 10.24 17.52 -17.53
CA PHE D 21 9.85 17.88 -16.17
C PHE D 21 10.36 19.26 -15.79
N SER D 22 11.05 19.91 -16.72
CA SER D 22 11.60 21.24 -16.49
C SER D 22 10.70 22.32 -17.04
N ASN D 23 10.79 23.51 -16.45
CA ASN D 23 10.12 24.72 -16.94
C ASN D 23 8.61 24.62 -17.11
N GLY D 24 7.90 24.35 -16.01
CA GLY D 24 6.46 24.24 -16.05
C GLY D 24 5.95 22.99 -16.76
N GLY D 25 6.86 22.21 -17.34
CA GLY D 25 6.51 20.97 -17.99
C GLY D 25 5.88 19.99 -17.02
N ALA D 26 6.34 20.04 -15.77
CA ALA D 26 5.79 19.19 -14.73
C ALA D 26 4.29 19.44 -14.49
N SER D 27 3.94 20.69 -14.23
CA SER D 27 2.54 21.03 -13.98
C SER D 27 1.71 20.79 -15.24
N SER D 28 2.31 21.06 -16.39
CA SER D 28 1.62 20.80 -17.64
C SER D 28 1.25 19.32 -17.78
N ARG D 29 2.17 18.43 -17.44
CA ARG D 29 1.92 16.99 -17.53
C ARG D 29 0.79 16.56 -16.61
N LEU D 30 0.78 17.08 -15.38
CA LEU D 30 -0.31 16.80 -14.46
C LEU D 30 -1.66 17.28 -14.99
N ASN D 31 -1.70 18.51 -15.52
CA ASN D 31 -2.92 19.04 -16.13
C ASN D 31 -3.39 18.16 -17.28
N LYS D 32 -2.45 17.62 -18.04
CA LYS D 32 -2.82 16.72 -19.13
C LYS D 32 -3.55 15.49 -18.58
N ILE D 33 -3.05 14.93 -17.47
CA ILE D 33 -3.68 13.74 -16.91
C ILE D 33 -5.06 14.04 -16.31
N THR D 34 -5.14 15.00 -15.40
CA THR D 34 -6.42 15.38 -14.79
C THR D 34 -7.38 15.99 -15.82
N GLY D 35 -6.88 16.90 -16.65
CA GLY D 35 -7.70 17.54 -17.66
C GLY D 35 -8.41 16.54 -18.57
N GLN D 36 -7.74 15.45 -18.89
CA GLN D 36 -8.33 14.48 -19.80
C GLN D 36 -9.19 13.41 -19.12
N ALA D 37 -9.19 13.38 -17.78
CA ALA D 37 -10.02 12.42 -17.05
C ALA D 37 -11.48 12.90 -16.85
N SER D 38 -12.38 11.93 -16.72
CA SER D 38 -13.78 12.22 -16.43
C SER D 38 -13.92 12.91 -15.07
#